data_9R2L
#
_entry.id   9R2L
#
_cell.length_a   62.760
_cell.length_b   66.840
_cell.length_c   81.120
_cell.angle_alpha   78.814
_cell.angle_beta   74.747
_cell.angle_gamma   62.558
#
_symmetry.space_group_name_H-M   'P 1'
#
loop_
_entity.id
_entity.type
_entity.pdbx_description
1 polymer N37
2 non-polymer ETHANOLAMINE
3 non-polymer 'ACETATE ION'
4 non-polymer 'THIOCYANATE ION'
5 non-polymer 'POTASSIUM ION'
6 water water
#
_entity_poly.entity_id   1
_entity_poly.type   'polypeptide(L)'
_entity_poly.pdbx_seq_one_letter_code
;MSVEVKVTQIDDETWKFKTTITKENGEKEEKESTITKEEVKESYESEEEYESTKERIRKKFEDLSEKEKYTLSNLVLAIT
KKLKELYEEYGAKEVKVTIEPINGKPLDKETKERIKESIEELLKEKGYDVKVELEGGSGGSHHHHHH
;
_entity_poly.pdbx_strand_id   A,B,C,D,E,F,G,H
#
loop_
_chem_comp.id
_chem_comp.type
_chem_comp.name
_chem_comp.formula
ACT non-polymer 'ACETATE ION' 'C2 H3 O2 -1'
K non-polymer 'POTASSIUM ION' 'K 1'
SCN non-polymer 'THIOCYANATE ION' 'C N S -1'
#
# COMPACT_ATOMS: atom_id res chain seq x y z
N MET A 1 23.63 22.42 -18.33
CA MET A 1 23.06 21.31 -17.57
C MET A 1 21.94 21.80 -16.66
N SER A 2 20.84 22.23 -17.28
CA SER A 2 19.67 22.67 -16.52
C SER A 2 19.09 21.53 -15.72
N VAL A 3 18.83 21.78 -14.44
CA VAL A 3 18.28 20.78 -13.53
C VAL A 3 17.05 21.35 -12.87
N GLU A 4 15.91 20.71 -13.09
CA GLU A 4 14.64 21.08 -12.46
C GLU A 4 14.07 19.87 -11.74
N VAL A 5 13.72 20.06 -10.47
CA VAL A 5 13.28 18.97 -9.60
C VAL A 5 11.90 19.29 -9.06
N LYS A 6 11.00 18.32 -9.14
CA LYS A 6 9.67 18.40 -8.56
C LYS A 6 9.59 17.45 -7.38
N VAL A 7 9.16 17.97 -6.23
CA VAL A 7 9.15 17.22 -4.98
C VAL A 7 7.70 17.07 -4.52
N THR A 8 7.31 15.84 -4.21
CA THR A 8 5.98 15.54 -3.70
C THR A 8 6.12 14.63 -2.49
N GLN A 9 5.69 15.10 -1.33
CA GLN A 9 5.68 14.28 -0.13
C GLN A 9 4.48 13.34 -0.21
N ILE A 10 4.73 12.05 -0.38
CA ILE A 10 3.66 11.07 -0.40
C ILE A 10 3.11 10.84 0.99
N ASP A 11 3.99 10.48 1.93
CA ASP A 11 3.67 10.41 3.35
C ASP A 11 4.87 10.92 4.13
N ASP A 12 4.77 10.88 5.46
CA ASP A 12 5.85 11.40 6.29
C ASP A 12 7.11 10.54 6.24
N GLU A 13 7.11 9.44 5.50
CA GLU A 13 8.27 8.58 5.33
C GLU A 13 8.64 8.36 3.87
N THR A 14 8.00 9.07 2.93
CA THR A 14 8.21 8.83 1.51
C THR A 14 8.14 10.16 0.76
N TRP A 15 9.13 10.38 -0.11
CA TRP A 15 9.18 11.58 -0.95
C TRP A 15 9.45 11.17 -2.39
N LYS A 16 8.59 11.60 -3.30
CA LYS A 16 8.70 11.28 -4.72
C LYS A 16 9.31 12.47 -5.46
N PHE A 17 10.27 12.19 -6.34
CA PHE A 17 10.99 13.20 -7.09
C PHE A 17 10.86 12.96 -8.58
N LYS A 18 10.64 14.03 -9.34
CA LYS A 18 10.66 14.00 -10.80
C LYS A 18 11.62 15.09 -11.26
N THR A 19 12.64 14.69 -12.02
CA THR A 19 13.70 15.61 -12.44
C THR A 19 13.77 15.65 -13.96
N THR A 20 13.95 16.86 -14.50
CA THR A 20 14.20 17.08 -15.91
C THR A 20 15.58 17.67 -16.08
N ILE A 21 16.41 17.03 -16.89
CA ILE A 21 17.77 17.48 -17.18
C ILE A 21 17.81 17.94 -18.63
N THR A 22 18.24 19.18 -18.84
CA THR A 22 18.38 19.74 -20.18
C THR A 22 19.85 20.08 -20.43
N LYS A 23 20.46 19.38 -21.39
CA LYS A 23 21.85 19.62 -21.71
C LYS A 23 21.98 20.74 -22.74
N GLU A 24 23.21 21.24 -22.89
CA GLU A 24 23.45 22.37 -23.79
C GLU A 24 23.17 22.01 -25.25
N ASN A 25 23.37 20.76 -25.63
CA ASN A 25 23.20 20.34 -27.01
C ASN A 25 21.78 19.88 -27.35
N GLY A 26 20.84 19.98 -26.40
CA GLY A 26 19.46 19.64 -26.65
C GLY A 26 19.02 18.29 -26.10
N GLU A 27 19.93 17.52 -25.50
CA GLU A 27 19.53 16.24 -24.92
C GLU A 27 18.72 16.47 -23.64
N LYS A 28 17.54 15.88 -23.59
CA LYS A 28 16.67 15.98 -22.42
C LYS A 28 16.59 14.64 -21.71
N GLU A 29 16.48 14.70 -20.39
CA GLU A 29 16.56 13.52 -19.54
C GLU A 29 15.46 13.61 -18.49
N GLU A 30 14.52 12.66 -18.52
CA GLU A 30 13.39 12.65 -17.59
C GLU A 30 13.57 11.50 -16.61
N LYS A 31 13.46 11.81 -15.31
CA LYS A 31 13.78 10.84 -14.27
C LYS A 31 12.76 10.88 -13.14
N GLU A 32 12.55 9.72 -12.52
CA GLU A 32 11.72 9.58 -11.35
C GLU A 32 12.44 8.72 -10.32
N SER A 33 12.20 9.03 -9.05
CA SER A 33 12.81 8.26 -7.97
C SER A 33 12.07 8.57 -6.67
N THR A 34 12.06 7.58 -5.77
CA THR A 34 11.39 7.68 -4.49
C THR A 34 12.43 7.47 -3.39
N ILE A 35 12.53 8.44 -2.48
CA ILE A 35 13.45 8.37 -1.35
C ILE A 35 12.65 8.19 -0.08
N THR A 36 13.02 7.17 0.71
CA THR A 36 12.35 6.88 1.96
C THR A 36 13.11 7.51 3.13
N LYS A 37 12.41 7.63 4.26
CA LYS A 37 13.02 8.20 5.46
C LYS A 37 14.19 7.33 5.93
N GLU A 38 14.05 6.01 5.80
CA GLU A 38 15.14 5.11 6.20
C GLU A 38 16.37 5.29 5.33
N GLU A 39 16.19 5.59 4.05
CA GLU A 39 17.34 5.80 3.16
C GLU A 39 18.05 7.11 3.49
N VAL A 40 17.28 8.14 3.88
CA VAL A 40 17.90 9.38 4.34
C VAL A 40 18.66 9.13 5.63
N LYS A 41 18.07 8.37 6.55
CA LYS A 41 18.70 8.10 7.84
C LYS A 41 20.00 7.33 7.66
N GLU A 42 20.00 6.32 6.79
CA GLU A 42 21.18 5.50 6.58
C GLU A 42 22.25 6.18 5.75
N SER A 43 21.94 7.29 5.08
CA SER A 43 22.94 8.00 4.30
C SER A 43 23.90 8.82 5.17
N TYR A 44 23.65 8.91 6.48
CA TYR A 44 24.53 9.63 7.38
C TYR A 44 25.54 8.70 8.01
N GLU A 45 26.69 9.25 8.40
CA GLU A 45 27.78 8.45 8.94
C GLU A 45 27.35 7.70 10.19
N SER A 46 26.43 8.25 10.96
CA SER A 46 26.00 7.64 12.20
C SER A 46 24.58 8.11 12.52
N GLU A 47 23.94 7.39 13.44
CA GLU A 47 22.64 7.82 13.94
C GLU A 47 22.77 9.13 14.71
N GLU A 48 23.93 9.35 15.34
CA GLU A 48 24.14 10.58 16.11
C GLU A 48 24.22 11.80 15.19
N GLU A 49 24.92 11.67 14.06
CA GLU A 49 25.02 12.80 13.14
C GLU A 49 23.70 13.09 12.45
N TYR A 50 22.90 12.04 12.17
CA TYR A 50 21.60 12.24 11.56
C TYR A 50 20.67 13.03 12.48
N GLU A 51 20.62 12.67 13.75
CA GLU A 51 19.75 13.38 14.69
C GLU A 51 20.31 14.74 15.05
N SER A 52 21.63 14.91 14.98
CA SER A 52 22.22 16.23 15.18
C SER A 52 21.86 17.16 14.03
N THR A 53 21.94 16.67 12.79
CA THR A 53 21.56 17.47 11.64
C THR A 53 20.07 17.80 11.68
N LYS A 54 19.24 16.86 12.13
CA LYS A 54 17.81 17.11 12.21
C LYS A 54 17.50 18.19 13.25
N GLU A 55 18.22 18.20 14.36
CA GLU A 55 18.03 19.26 15.35
C GLU A 55 18.37 20.63 14.78
N ARG A 56 19.44 20.70 14.00
CA ARG A 56 19.86 21.98 13.44
C ARG A 56 18.80 22.56 12.51
N ILE A 57 18.15 21.70 11.71
CA ILE A 57 17.13 22.20 10.79
C ILE A 57 15.85 22.53 11.54
N ARG A 58 15.51 21.76 12.58
CA ARG A 58 14.40 22.14 13.45
C ARG A 58 14.63 23.50 14.08
N LYS A 59 15.87 23.79 14.45
CA LYS A 59 16.20 25.09 15.05
C LYS A 59 16.01 26.24 14.07
N LYS A 60 15.98 25.97 12.77
CA LYS A 60 15.70 27.00 11.79
C LYS A 60 14.25 27.46 11.84
N PHE A 61 13.35 26.63 12.37
CA PHE A 61 11.91 26.91 12.40
C PHE A 61 11.37 26.89 13.82
N GLU A 62 12.12 27.43 14.78
CA GLU A 62 11.69 27.38 16.17
C GLU A 62 10.40 28.16 16.40
N ASP A 63 10.12 29.16 15.57
CA ASP A 63 8.87 29.91 15.69
C ASP A 63 7.66 29.09 15.25
N LEU A 64 7.86 28.00 14.53
CA LEU A 64 6.75 27.22 14.00
C LEU A 64 6.34 26.13 15.00
N SER A 65 5.22 25.48 14.71
CA SER A 65 4.67 24.48 15.60
C SER A 65 5.50 23.19 15.54
N GLU A 66 5.18 22.27 16.44
CA GLU A 66 5.90 20.99 16.48
C GLU A 66 5.59 20.14 15.27
N LYS A 67 4.34 20.17 14.79
CA LYS A 67 4.00 19.43 13.58
C LYS A 67 4.71 19.99 12.36
N GLU A 68 4.83 21.32 12.28
CA GLU A 68 5.49 21.94 11.13
C GLU A 68 7.00 21.73 11.19
N LYS A 69 7.58 21.77 12.40
CA LYS A 69 9.01 21.49 12.53
C LYS A 69 9.33 20.04 12.18
N TYR A 70 8.40 19.13 12.43
CA TYR A 70 8.61 17.73 12.06
C TYR A 70 8.54 17.55 10.55
N THR A 71 7.61 18.23 9.88
CA THR A 71 7.46 18.08 8.44
C THR A 71 8.60 18.77 7.70
N LEU A 72 8.94 20.00 8.11
CA LEU A 72 9.90 20.79 7.36
C LEU A 72 11.32 20.24 7.50
N SER A 73 11.70 19.82 8.71
CA SER A 73 13.06 19.33 8.90
C SER A 73 13.30 18.03 8.14
N ASN A 74 12.32 17.12 8.17
CA ASN A 74 12.46 15.88 7.41
C ASN A 74 12.35 16.12 5.92
N LEU A 75 11.56 17.12 5.50
CA LEU A 75 11.48 17.48 4.09
C LEU A 75 12.82 18.00 3.59
N VAL A 76 13.48 18.85 4.37
CA VAL A 76 14.78 19.39 3.97
C VAL A 76 15.80 18.27 3.83
N LEU A 77 15.79 17.30 4.74
CA LEU A 77 16.74 16.20 4.67
C LEU A 77 16.54 15.38 3.40
N ALA A 78 15.29 15.16 2.99
CA ALA A 78 15.01 14.38 1.79
C ALA A 78 15.48 15.11 0.54
N ILE A 79 15.17 16.41 0.44
CA ILE A 79 15.56 17.19 -0.73
C ILE A 79 17.08 17.36 -0.77
N THR A 80 17.70 17.52 0.40
CA THR A 80 19.16 17.65 0.45
C THR A 80 19.84 16.41 -0.08
N LYS A 81 19.35 15.22 0.30
CA LYS A 81 19.92 13.99 -0.21
C LYS A 81 19.73 13.87 -1.72
N LYS A 82 18.57 14.33 -2.22
CA LYS A 82 18.31 14.23 -3.65
C LYS A 82 19.24 15.15 -4.44
N LEU A 83 19.30 16.42 -4.05
CA LEU A 83 20.21 17.36 -4.73
C LEU A 83 21.66 16.93 -4.58
N LYS A 84 21.98 16.21 -3.50
CA LYS A 84 23.31 15.64 -3.35
C LYS A 84 23.60 14.60 -4.42
N GLU A 85 22.64 13.70 -4.66
CA GLU A 85 22.81 12.69 -5.69
C GLU A 85 22.87 13.32 -7.08
N LEU A 86 22.03 14.32 -7.33
CA LEU A 86 22.02 14.96 -8.64
C LEU A 86 23.34 15.69 -8.90
N TYR A 87 23.91 16.31 -7.88
CA TYR A 87 25.19 16.98 -8.06
C TYR A 87 26.31 15.98 -8.36
N GLU A 88 26.23 14.78 -7.79
CA GLU A 88 27.22 13.76 -8.10
C GLU A 88 27.02 13.18 -9.50
N GLU A 89 25.81 13.28 -10.05
CA GLU A 89 25.52 12.72 -11.36
C GLU A 89 25.72 13.71 -12.50
N TYR A 90 25.53 15.01 -12.25
CA TYR A 90 25.59 16.01 -13.30
C TYR A 90 26.48 17.21 -12.98
N GLY A 91 26.86 17.40 -11.71
CA GLY A 91 27.75 18.50 -11.37
C GLY A 91 27.18 19.89 -11.58
N ALA A 92 25.85 20.02 -11.61
CA ALA A 92 25.24 21.32 -11.84
C ALA A 92 25.36 22.19 -10.60
N LYS A 93 25.72 23.46 -10.82
CA LYS A 93 25.89 24.42 -9.74
C LYS A 93 24.61 25.17 -9.41
N GLU A 94 23.51 24.88 -10.11
CA GLU A 94 22.23 25.54 -9.84
C GLU A 94 21.11 24.55 -10.10
N VAL A 95 20.18 24.45 -9.15
CA VAL A 95 19.04 23.56 -9.24
C VAL A 95 17.78 24.34 -8.91
N LYS A 96 16.72 24.09 -9.68
CA LYS A 96 15.42 24.72 -9.45
C LYS A 96 14.45 23.67 -8.92
N VAL A 97 13.89 23.93 -7.74
CA VAL A 97 13.08 22.96 -7.01
C VAL A 97 11.67 23.51 -6.84
N THR A 98 10.68 22.68 -7.13
CA THR A 98 9.27 23.00 -6.92
C THR A 98 8.68 21.98 -5.95
N ILE A 99 8.15 22.44 -4.83
CA ILE A 99 7.63 21.57 -3.79
C ILE A 99 6.10 21.67 -3.79
N GLU A 100 5.44 20.52 -3.86
CA GLU A 100 3.99 20.48 -3.82
C GLU A 100 3.50 20.77 -2.40
N PRO A 101 2.29 21.34 -2.26
CA PRO A 101 1.77 21.63 -0.92
C PRO A 101 1.62 20.38 -0.09
N ILE A 102 1.90 20.50 1.20
CA ILE A 102 1.85 19.38 2.13
C ILE A 102 0.71 19.64 3.12
N ASN A 103 -0.28 18.74 3.13
CA ASN A 103 -1.39 18.78 4.08
C ASN A 103 -2.16 20.10 4.02
N GLY A 104 -2.40 20.58 2.80
CA GLY A 104 -3.29 21.70 2.60
C GLY A 104 -2.76 23.06 3.00
N LYS A 105 -1.44 23.19 3.19
CA LYS A 105 -0.83 24.46 3.55
C LYS A 105 0.38 24.71 2.64
N PRO A 106 0.25 25.58 1.65
CA PRO A 106 1.42 25.92 0.81
C PRO A 106 2.49 26.64 1.62
N LEU A 107 3.70 26.62 1.07
CA LEU A 107 4.84 27.26 1.72
C LEU A 107 4.81 28.77 1.47
N ASP A 108 4.99 29.55 2.53
CA ASP A 108 5.04 31.00 2.38
C ASP A 108 6.49 31.44 2.11
N LYS A 109 6.68 32.75 1.96
CA LYS A 109 7.97 33.26 1.50
C LYS A 109 9.07 33.06 2.54
N GLU A 110 8.76 33.28 3.82
CA GLU A 110 9.77 33.09 4.85
C GLU A 110 10.19 31.64 4.98
N THR A 111 9.23 30.71 4.91
CA THR A 111 9.58 29.30 5.01
C THR A 111 10.38 28.84 3.80
N LYS A 112 10.07 29.37 2.61
CA LYS A 112 10.83 28.99 1.42
C LYS A 112 12.26 29.52 1.49
N GLU A 113 12.44 30.73 2.01
CA GLU A 113 13.80 31.26 2.17
C GLU A 113 14.58 30.47 3.20
N ARG A 114 13.91 29.96 4.24
CA ARG A 114 14.59 29.14 5.23
C ARG A 114 14.95 27.77 4.68
N ILE A 115 14.04 27.15 3.92
CA ILE A 115 14.33 25.86 3.29
C ILE A 115 15.51 26.02 2.34
N LYS A 116 15.51 27.09 1.54
CA LYS A 116 16.61 27.35 0.62
C LYS A 116 17.93 27.48 1.37
N GLU A 117 17.93 28.23 2.47
CA GLU A 117 19.16 28.39 3.25
C GLU A 117 19.60 27.07 3.86
N SER A 118 18.66 26.26 4.36
CA SER A 118 19.02 25.00 5.00
C SER A 118 19.65 24.03 4.01
N ILE A 119 19.06 23.91 2.82
CA ILE A 119 19.57 22.99 1.82
C ILE A 119 20.95 23.43 1.34
N GLU A 120 21.09 24.73 1.04
CA GLU A 120 22.39 25.25 0.60
C GLU A 120 23.44 25.09 1.68
N GLU A 121 23.05 25.23 2.94
CA GLU A 121 24.00 25.09 4.04
C GLU A 121 24.48 23.65 4.17
N LEU A 122 23.55 22.69 4.11
CA LEU A 122 23.93 21.29 4.21
C LEU A 122 24.78 20.86 3.02
N LEU A 123 24.46 21.36 1.82
CA LEU A 123 25.24 21.00 0.65
C LEU A 123 26.65 21.58 0.72
N LYS A 124 26.78 22.84 1.15
CA LYS A 124 28.10 23.47 1.22
C LYS A 124 28.99 22.79 2.25
N GLU A 125 28.40 22.20 3.29
CA GLU A 125 29.21 21.53 4.31
C GLU A 125 29.79 20.22 3.81
N LYS A 126 29.18 19.59 2.82
CA LYS A 126 29.75 18.40 2.19
C LYS A 126 30.56 18.75 0.94
N GLY A 127 30.90 20.02 0.74
CA GLY A 127 31.71 20.43 -0.39
C GLY A 127 30.96 20.65 -1.68
N TYR A 128 29.64 20.71 -1.65
CA TYR A 128 28.82 20.88 -2.84
C TYR A 128 28.30 22.31 -2.87
N ASP A 129 28.86 23.12 -3.77
CA ASP A 129 28.52 24.54 -3.89
C ASP A 129 27.37 24.66 -4.89
N VAL A 130 26.14 24.55 -4.39
CA VAL A 130 24.95 24.51 -5.22
C VAL A 130 24.02 25.64 -4.81
N LYS A 131 23.54 26.40 -5.79
CA LYS A 131 22.53 27.42 -5.57
C LYS A 131 21.15 26.81 -5.77
N VAL A 132 20.29 26.90 -4.77
CA VAL A 132 18.96 26.32 -4.80
C VAL A 132 17.93 27.43 -5.02
N GLU A 133 17.07 27.24 -6.02
CA GLU A 133 16.01 28.18 -6.34
C GLU A 133 14.66 27.49 -6.18
N LEU A 134 13.81 28.04 -5.32
CA LEU A 134 12.49 27.47 -5.06
C LEU A 134 11.44 28.29 -5.80
N GLU A 135 10.70 27.62 -6.69
CA GLU A 135 9.66 28.28 -7.48
C GLU A 135 8.43 28.59 -6.63
N MET B 1 -5.72 16.73 -26.13
CA MET B 1 -6.43 15.80 -25.25
C MET B 1 -7.39 16.51 -24.33
N SER B 2 -8.51 16.98 -24.87
CA SER B 2 -9.54 17.58 -24.02
C SER B 2 -10.28 16.47 -23.26
N VAL B 3 -10.32 16.60 -21.94
CA VAL B 3 -10.92 15.60 -21.06
C VAL B 3 -12.12 16.24 -20.39
N GLU B 4 -13.32 15.77 -20.71
CA GLU B 4 -14.56 16.30 -20.16
C GLU B 4 -15.30 15.18 -19.44
N VAL B 5 -15.64 15.43 -18.18
CA VAL B 5 -16.21 14.41 -17.29
C VAL B 5 -17.58 14.88 -16.82
N LYS B 6 -18.51 13.93 -16.72
CA LYS B 6 -19.80 14.12 -16.09
C LYS B 6 -19.92 13.15 -14.93
N VAL B 7 -20.28 13.65 -13.76
CA VAL B 7 -20.39 12.81 -12.56
C VAL B 7 -21.83 12.88 -12.05
N THR B 8 -22.41 11.72 -11.78
CA THR B 8 -23.75 11.60 -11.23
C THR B 8 -23.67 10.72 -9.99
N GLN B 9 -24.13 11.24 -8.86
CA GLN B 9 -24.19 10.47 -7.63
C GLN B 9 -25.42 9.58 -7.65
N ILE B 10 -25.22 8.27 -7.75
CA ILE B 10 -26.33 7.33 -7.73
C ILE B 10 -26.88 7.19 -6.32
N ASP B 11 -25.99 6.99 -5.34
CA ASP B 11 -26.33 7.05 -3.93
C ASP B 11 -25.09 7.51 -3.19
N ASP B 12 -25.19 7.61 -1.87
CA ASP B 12 -24.04 8.15 -1.14
C ASP B 12 -22.84 7.18 -1.08
N GLU B 13 -22.83 6.07 -1.81
CA GLU B 13 -21.66 5.21 -1.94
C GLU B 13 -21.34 4.88 -3.39
N THR B 14 -21.99 5.53 -4.36
CA THR B 14 -21.85 5.16 -5.77
C THR B 14 -21.87 6.42 -6.61
N TRP B 15 -20.83 6.59 -7.43
CA TRP B 15 -20.72 7.72 -8.34
C TRP B 15 -20.43 7.21 -9.74
N LYS B 16 -21.29 7.58 -10.69
CA LYS B 16 -21.13 7.21 -12.08
C LYS B 16 -20.42 8.33 -12.83
N PHE B 17 -19.41 7.97 -13.62
CA PHE B 17 -18.62 8.92 -14.38
C PHE B 17 -18.73 8.62 -15.87
N LYS B 18 -18.85 9.68 -16.66
CA LYS B 18 -18.84 9.60 -18.12
C LYS B 18 -17.79 10.58 -18.64
N THR B 19 -16.79 10.08 -19.35
CA THR B 19 -15.67 10.90 -19.79
C THR B 19 -15.52 10.82 -21.30
N THR B 20 -15.34 11.98 -21.93
CA THR B 20 -15.07 12.09 -23.36
C THR B 20 -13.68 12.66 -23.55
N ILE B 21 -12.85 11.94 -24.30
CA ILE B 21 -11.52 12.42 -24.68
C ILE B 21 -11.56 12.76 -26.17
N THR B 22 -11.19 13.98 -26.50
CA THR B 22 -11.07 14.42 -27.89
C THR B 22 -9.60 14.73 -28.14
N LYS B 23 -8.96 13.89 -28.95
CA LYS B 23 -7.53 14.01 -29.18
C LYS B 23 -7.27 15.09 -30.24
N GLU B 24 -5.98 15.45 -30.37
CA GLU B 24 -5.61 16.57 -31.24
C GLU B 24 -5.96 16.30 -32.70
N ASN B 25 -5.82 15.04 -33.13
CA ASN B 25 -6.06 14.69 -34.52
C ASN B 25 -7.51 14.34 -34.81
N GLY B 26 -8.41 14.51 -33.84
CA GLY B 26 -9.83 14.41 -34.06
C GLY B 26 -10.49 13.16 -33.50
N GLU B 27 -9.74 12.08 -33.29
CA GLU B 27 -10.37 10.84 -32.83
C GLU B 27 -10.93 11.01 -31.43
N LYS B 28 -12.08 10.39 -31.20
CA LYS B 28 -12.90 10.61 -30.02
C LYS B 28 -12.98 9.32 -29.21
N GLU B 29 -13.16 9.48 -27.90
CA GLU B 29 -13.11 8.36 -26.97
C GLU B 29 -14.16 8.57 -25.88
N GLU B 30 -15.14 7.67 -25.82
CA GLU B 30 -16.23 7.74 -24.84
C GLU B 30 -16.01 6.67 -23.79
N LYS B 31 -16.10 7.05 -22.51
CA LYS B 31 -15.81 6.17 -21.39
C LYS B 31 -16.90 6.27 -20.35
N GLU B 32 -17.10 5.16 -19.63
CA GLU B 32 -18.03 5.08 -18.51
C GLU B 32 -17.43 4.19 -17.43
N SER B 33 -17.62 4.58 -16.17
CA SER B 33 -17.12 3.79 -15.06
C SER B 33 -17.86 4.19 -13.80
N THR B 34 -17.91 3.26 -12.84
CA THR B 34 -18.58 3.46 -11.56
C THR B 34 -17.55 3.36 -10.45
N ILE B 35 -17.45 4.42 -9.64
CA ILE B 35 -16.55 4.46 -8.49
C ILE B 35 -17.38 4.29 -7.23
N THR B 36 -17.00 3.33 -6.39
CA THR B 36 -17.67 3.11 -5.12
C THR B 36 -16.89 3.79 -4.00
N LYS B 37 -17.60 4.05 -2.90
CA LYS B 37 -16.96 4.65 -1.73
C LYS B 37 -15.86 3.76 -1.19
N GLU B 38 -16.04 2.44 -1.27
CA GLU B 38 -15.01 1.51 -0.84
C GLU B 38 -13.75 1.64 -1.67
N GLU B 39 -13.90 1.79 -2.99
CA GLU B 39 -12.74 1.99 -3.85
C GLU B 39 -12.05 3.32 -3.58
N VAL B 40 -12.82 4.35 -3.20
CA VAL B 40 -12.22 5.62 -2.80
C VAL B 40 -11.36 5.42 -1.56
N LYS B 41 -11.88 4.69 -0.58
CA LYS B 41 -11.13 4.44 0.65
C LYS B 41 -9.86 3.63 0.37
N GLU B 42 -9.93 2.69 -0.57
CA GLU B 42 -8.77 1.87 -0.89
C GLU B 42 -7.71 2.64 -1.68
N SER B 43 -8.07 3.76 -2.30
CA SER B 43 -7.12 4.54 -3.08
C SER B 43 -6.13 5.32 -2.22
N TYR B 44 -6.31 5.31 -0.89
CA TYR B 44 -5.39 5.94 0.02
C TYR B 44 -4.45 4.90 0.61
N GLU B 45 -3.26 5.34 1.00
CA GLU B 45 -2.25 4.42 1.53
C GLU B 45 -2.75 3.69 2.77
N SER B 46 -3.53 4.38 3.60
CA SER B 46 -4.14 3.77 4.77
C SER B 46 -5.53 4.35 4.94
N GLU B 47 -6.36 3.62 5.70
CA GLU B 47 -7.68 4.15 6.04
C GLU B 47 -7.56 5.34 6.99
N GLU B 48 -6.48 5.41 7.76
CA GLU B 48 -6.24 6.58 8.60
C GLU B 48 -6.08 7.84 7.78
N GLU B 49 -5.30 7.76 6.69
CA GLU B 49 -5.12 8.93 5.83
C GLU B 49 -6.42 9.29 5.11
N TYR B 50 -7.24 8.30 4.77
CA TYR B 50 -8.52 8.58 4.13
C TYR B 50 -9.42 9.40 5.04
N GLU B 51 -9.55 8.98 6.30
CA GLU B 51 -10.42 9.70 7.22
C GLU B 51 -9.81 11.04 7.65
N SER B 52 -8.48 11.12 7.71
CA SER B 52 -7.84 12.39 8.00
C SER B 52 -8.05 13.39 6.87
N THR B 53 -7.97 12.92 5.62
CA THR B 53 -8.26 13.78 4.48
C THR B 53 -9.72 14.17 4.45
N LYS B 54 -10.61 13.25 4.83
CA LYS B 54 -12.04 13.54 4.79
C LYS B 54 -12.41 14.63 5.79
N GLU B 55 -11.85 14.58 7.00
CA GLU B 55 -12.13 15.64 7.97
C GLU B 55 -11.61 16.97 7.46
N ARG B 56 -10.45 16.97 6.80
CA ARG B 56 -9.88 18.22 6.30
C ARG B 56 -10.80 18.88 5.28
N ILE B 57 -11.49 18.09 4.46
CA ILE B 57 -12.46 18.64 3.52
C ILE B 57 -13.74 19.04 4.24
N ARG B 58 -14.12 18.27 5.26
CA ARG B 58 -15.27 18.65 6.08
C ARG B 58 -15.05 20.00 6.75
N LYS B 59 -13.81 20.28 7.16
CA LYS B 59 -13.50 21.58 7.76
C LYS B 59 -13.68 22.71 6.74
N LYS B 60 -13.35 22.44 5.48
CA LYS B 60 -13.49 23.47 4.45
C LYS B 60 -14.95 23.87 4.25
N PHE B 61 -15.88 22.95 4.51
CA PHE B 61 -17.30 23.19 4.30
C PHE B 61 -18.08 23.13 5.61
N GLU B 62 -17.42 23.44 6.73
CA GLU B 62 -18.08 23.38 8.03
C GLU B 62 -19.23 24.37 8.13
N ASP B 63 -19.11 25.52 7.45
CA ASP B 63 -20.17 26.52 7.47
C ASP B 63 -21.45 26.03 6.80
N LEU B 64 -21.35 25.02 5.94
CA LEU B 64 -22.53 24.51 5.24
C LEU B 64 -23.35 23.62 6.18
N SER B 65 -24.55 23.26 5.71
CA SER B 65 -25.39 22.34 6.46
C SER B 65 -24.71 20.97 6.56
N GLU B 66 -25.21 20.16 7.50
CA GLU B 66 -24.62 18.83 7.70
C GLU B 66 -24.80 17.96 6.48
N LYS B 67 -25.94 18.11 5.78
CA LYS B 67 -26.20 17.28 4.61
C LYS B 67 -25.28 17.65 3.45
N GLU B 68 -25.14 18.94 3.18
CA GLU B 68 -24.29 19.36 2.06
C GLU B 68 -22.81 19.16 2.37
N LYS B 69 -22.41 19.36 3.63
CA LYS B 69 -21.03 19.08 4.00
C LYS B 69 -20.70 17.60 3.84
N TYR B 70 -21.63 16.73 4.26
CA TYR B 70 -21.43 15.29 4.06
C TYR B 70 -21.41 14.94 2.58
N THR B 71 -22.21 15.64 1.77
CA THR B 71 -22.28 15.33 0.35
C THR B 71 -21.04 15.81 -0.39
N LEU B 72 -20.66 17.08 -0.18
CA LEU B 72 -19.56 17.65 -0.94
C LEU B 72 -18.21 17.07 -0.55
N SER B 73 -18.04 16.69 0.73
CA SER B 73 -16.76 16.15 1.15
C SER B 73 -16.48 14.80 0.50
N ASN B 74 -17.49 13.92 0.46
CA ASN B 74 -17.32 12.63 -0.21
C ASN B 74 -17.34 12.79 -1.72
N LEU B 75 -18.06 13.79 -2.23
CA LEU B 75 -18.04 14.04 -3.67
C LEU B 75 -16.67 14.50 -4.14
N VAL B 76 -16.01 15.37 -3.37
CA VAL B 76 -14.67 15.82 -3.72
C VAL B 76 -13.71 14.64 -3.76
N LEU B 77 -13.83 13.71 -2.80
CA LEU B 77 -12.94 12.56 -2.77
C LEU B 77 -13.18 11.64 -3.96
N ALA B 78 -14.43 11.49 -4.38
CA ALA B 78 -14.72 10.64 -5.54
C ALA B 78 -14.18 11.26 -6.82
N ILE B 79 -14.45 12.55 -7.03
CA ILE B 79 -13.99 13.23 -8.24
C ILE B 79 -12.47 13.27 -8.27
N THR B 80 -11.83 13.43 -7.10
CA THR B 80 -10.37 13.49 -7.06
C THR B 80 -9.76 12.15 -7.47
N LYS B 81 -10.32 11.04 -6.95
CA LYS B 81 -9.80 9.74 -7.34
C LYS B 81 -9.94 9.50 -8.84
N LYS B 82 -11.07 9.90 -9.42
CA LYS B 82 -11.28 9.69 -10.85
C LYS B 82 -10.33 10.55 -11.67
N LEU B 83 -10.11 11.80 -11.27
CA LEU B 83 -9.19 12.66 -11.99
C LEU B 83 -7.75 12.16 -11.89
N LYS B 84 -7.40 11.52 -10.78
CA LYS B 84 -6.08 10.90 -10.68
C LYS B 84 -5.91 9.82 -11.74
N GLU B 85 -6.91 8.96 -11.89
CA GLU B 85 -6.84 7.91 -12.90
C GLU B 85 -6.77 8.51 -14.30
N LEU B 86 -7.57 9.54 -14.56
CA LEU B 86 -7.57 10.15 -15.89
C LEU B 86 -6.25 10.84 -16.21
N TYR B 87 -5.58 11.40 -15.20
CA TYR B 87 -4.27 12.00 -15.45
C TYR B 87 -3.22 10.93 -15.71
N GLU B 88 -3.33 9.78 -15.05
CA GLU B 88 -2.39 8.69 -15.29
C GLU B 88 -2.60 8.06 -16.66
N GLU B 89 -3.77 8.27 -17.27
CA GLU B 89 -4.07 7.67 -18.56
C GLU B 89 -3.76 8.60 -19.73
N TYR B 90 -4.01 9.91 -19.56
CA TYR B 90 -3.84 10.86 -20.65
C TYR B 90 -2.93 12.04 -20.34
N GLY B 91 -2.66 12.34 -19.07
CA GLY B 91 -1.74 13.40 -18.73
C GLY B 91 -2.20 14.79 -19.09
N ALA B 92 -3.51 15.02 -19.19
CA ALA B 92 -4.01 16.33 -19.54
C ALA B 92 -3.88 17.28 -18.35
N LYS B 93 -3.35 18.48 -18.60
CA LYS B 93 -3.17 19.46 -17.56
C LYS B 93 -4.43 20.25 -17.25
N GLU B 94 -5.53 19.99 -17.94
CA GLU B 94 -6.79 20.65 -17.66
C GLU B 94 -7.93 19.67 -17.91
N VAL B 95 -8.94 19.72 -17.04
CA VAL B 95 -10.09 18.81 -17.10
C VAL B 95 -11.35 19.61 -16.80
N LYS B 96 -12.39 19.37 -17.59
CA LYS B 96 -13.72 19.92 -17.31
C LYS B 96 -14.54 18.88 -16.56
N VAL B 97 -15.20 19.31 -15.49
CA VAL B 97 -16.02 18.44 -14.65
C VAL B 97 -17.41 19.04 -14.52
N THR B 98 -18.42 18.25 -14.86
CA THR B 98 -19.82 18.67 -14.78
C THR B 98 -20.54 17.80 -13.76
N ILE B 99 -21.01 18.42 -12.68
CA ILE B 99 -21.63 17.72 -11.57
C ILE B 99 -23.14 17.79 -11.74
N GLU B 100 -23.77 16.66 -12.03
CA GLU B 100 -25.22 16.62 -12.14
C GLU B 100 -25.86 16.88 -10.77
N PRO B 101 -27.07 17.45 -10.76
CA PRO B 101 -27.67 17.85 -9.47
C PRO B 101 -27.81 16.69 -8.50
N ILE B 102 -27.27 16.89 -7.29
CA ILE B 102 -27.36 15.91 -6.22
C ILE B 102 -28.46 16.35 -5.26
N ASN B 103 -29.37 15.43 -4.94
CA ASN B 103 -30.48 15.70 -4.03
C ASN B 103 -31.36 16.85 -4.52
N GLY B 104 -31.36 17.09 -5.83
CA GLY B 104 -32.23 18.07 -6.44
C GLY B 104 -31.77 19.51 -6.38
N LYS B 105 -30.68 19.81 -5.65
CA LYS B 105 -30.30 21.22 -5.56
C LYS B 105 -29.10 21.50 -6.45
N PRO B 106 -29.14 22.59 -7.23
CA PRO B 106 -27.97 22.98 -8.01
C PRO B 106 -26.94 23.71 -7.17
N LEU B 107 -25.70 23.69 -7.66
CA LEU B 107 -24.59 24.33 -6.97
C LEU B 107 -24.41 25.75 -7.51
N ASP B 108 -24.32 26.72 -6.60
CA ASP B 108 -24.14 28.11 -7.00
C ASP B 108 -22.67 28.38 -7.32
N LYS B 109 -22.37 29.63 -7.66
CA LYS B 109 -21.03 29.98 -8.14
C LYS B 109 -19.99 29.83 -7.04
N GLU B 110 -20.28 30.32 -5.84
CA GLU B 110 -19.30 30.26 -4.76
C GLU B 110 -19.04 28.83 -4.31
N THR B 111 -20.08 28.01 -4.27
CA THR B 111 -19.92 26.62 -3.83
C THR B 111 -19.15 25.80 -4.85
N LYS B 112 -19.41 26.04 -6.14
CA LYS B 112 -18.63 25.39 -7.19
C LYS B 112 -17.15 25.75 -7.07
N GLU B 113 -16.86 27.03 -6.81
CA GLU B 113 -15.47 27.47 -6.70
C GLU B 113 -14.77 26.79 -5.54
N ARG B 114 -15.49 26.58 -4.42
CA ARG B 114 -14.88 25.90 -3.29
C ARG B 114 -14.66 24.42 -3.57
N ILE B 115 -15.53 23.79 -4.35
CA ILE B 115 -15.30 22.41 -4.76
C ILE B 115 -14.09 22.33 -5.66
N LYS B 116 -13.97 23.27 -6.61
CA LYS B 116 -12.84 23.29 -7.53
C LYS B 116 -11.52 23.48 -6.80
N GLU B 117 -11.52 24.29 -5.74
CA GLU B 117 -10.28 24.55 -5.01
C GLU B 117 -9.87 23.34 -4.19
N SER B 118 -10.83 22.62 -3.60
CA SER B 118 -10.50 21.43 -2.84
C SER B 118 -9.95 20.33 -3.75
N ILE B 119 -10.58 20.13 -4.91
CA ILE B 119 -10.13 19.10 -5.84
C ILE B 119 -8.72 19.42 -6.33
N GLU B 120 -8.48 20.66 -6.74
CA GLU B 120 -7.16 21.05 -7.22
C GLU B 120 -6.10 20.92 -6.13
N GLU B 121 -6.47 21.19 -4.87
CA GLU B 121 -5.50 21.05 -3.79
C GLU B 121 -5.16 19.59 -3.54
N LEU B 122 -6.16 18.73 -3.46
CA LEU B 122 -5.91 17.31 -3.22
C LEU B 122 -5.11 16.69 -4.36
N LEU B 123 -5.43 17.07 -5.59
CA LEU B 123 -4.64 16.60 -6.74
C LEU B 123 -3.21 17.10 -6.64
N LYS B 124 -3.02 18.36 -6.24
CA LYS B 124 -1.68 18.94 -6.20
C LYS B 124 -0.82 18.28 -5.14
N GLU B 125 -1.43 17.88 -4.02
CA GLU B 125 -0.68 17.26 -2.93
C GLU B 125 -0.08 15.92 -3.33
N LYS B 126 -0.67 15.24 -4.32
CA LYS B 126 -0.17 13.96 -4.78
C LYS B 126 0.65 14.06 -6.06
N GLY B 127 1.08 15.27 -6.43
CA GLY B 127 1.89 15.46 -7.61
C GLY B 127 1.12 15.66 -8.90
N TYR B 128 -0.19 15.86 -8.83
CA TYR B 128 -1.03 16.03 -10.02
C TYR B 128 -1.38 17.51 -10.18
N ASP B 129 -0.70 18.17 -11.12
CA ASP B 129 -0.92 19.60 -11.36
C ASP B 129 -1.98 19.74 -12.45
N VAL B 130 -3.25 19.69 -12.03
CA VAL B 130 -4.38 19.67 -12.93
C VAL B 130 -5.26 20.88 -12.66
N LYS B 131 -5.53 21.66 -13.71
CA LYS B 131 -6.47 22.76 -13.64
C LYS B 131 -7.87 22.21 -13.89
N VAL B 132 -8.79 22.47 -12.96
CA VAL B 132 -10.13 21.90 -13.00
C VAL B 132 -11.13 23.02 -13.27
N GLU B 133 -11.92 22.86 -14.33
CA GLU B 133 -13.06 23.72 -14.59
C GLU B 133 -14.33 22.99 -14.16
N LEU B 134 -14.92 23.45 -13.06
CA LEU B 134 -16.14 22.85 -12.52
C LEU B 134 -17.33 23.66 -13.02
N GLU B 135 -18.28 23.00 -13.68
CA GLU B 135 -19.41 23.69 -14.28
C GLU B 135 -20.70 23.59 -13.48
N GLY B 136 -20.83 22.59 -12.61
CA GLY B 136 -21.98 22.51 -11.73
C GLY B 136 -23.18 21.79 -12.30
N GLY B 137 -23.16 21.41 -13.57
CA GLY B 137 -24.20 20.57 -14.13
C GLY B 137 -25.48 21.30 -14.48
N SER B 138 -26.43 20.52 -14.98
CA SER B 138 -27.73 21.04 -15.40
C SER B 138 -28.77 19.93 -15.49
N SER C 2 9.53 -1.70 47.87
CA SER C 2 10.45 -0.81 47.17
C SER C 2 10.79 -1.37 45.79
N VAL C 3 10.99 -0.48 44.82
CA VAL C 3 11.33 -0.85 43.46
C VAL C 3 12.65 -0.20 43.09
N GLU C 4 13.64 -1.01 42.76
CA GLU C 4 14.97 -0.53 42.39
C GLU C 4 15.33 -1.08 41.03
N VAL C 5 15.64 -0.20 40.09
CA VAL C 5 15.99 -0.59 38.73
C VAL C 5 17.44 -0.23 38.46
N LYS C 6 18.09 -1.03 37.61
CA LYS C 6 19.44 -0.77 37.16
C LYS C 6 19.47 -0.85 35.64
N VAL C 7 19.92 0.21 35.00
CA VAL C 7 19.94 0.30 33.54
C VAL C 7 21.38 0.23 33.07
N THR C 8 21.63 -0.61 32.06
CA THR C 8 22.95 -0.77 31.45
C THR C 8 22.80 -0.61 29.94
N GLN C 9 23.63 0.24 29.36
CA GLN C 9 23.57 0.49 27.91
C GLN C 9 24.39 -0.58 27.19
N ILE C 10 23.69 -1.50 26.51
CA ILE C 10 24.38 -2.53 25.74
C ILE C 10 25.06 -1.92 24.53
N ASP C 11 24.33 -1.09 23.78
CA ASP C 11 24.90 -0.33 22.68
C ASP C 11 24.06 0.94 22.50
N ASP C 12 24.30 1.67 21.41
CA ASP C 12 23.66 2.97 21.21
C ASP C 12 22.14 2.87 21.07
N GLU C 13 21.59 1.67 20.91
CA GLU C 13 20.16 1.49 20.72
C GLU C 13 19.59 0.35 21.57
N THR C 14 20.30 -0.06 22.63
CA THR C 14 19.87 -1.19 23.43
C THR C 14 20.17 -0.91 24.90
N TRP C 15 19.16 -1.08 25.75
CA TRP C 15 19.29 -0.85 27.18
C TRP C 15 18.74 -2.05 27.94
N LYS C 16 19.53 -2.59 28.86
CA LYS C 16 19.16 -3.74 29.65
C LYS C 16 18.83 -3.29 31.07
N PHE C 17 17.70 -3.76 31.60
CA PHE C 17 17.19 -3.34 32.88
C PHE C 17 17.16 -4.52 33.85
N LYS C 18 17.46 -4.23 35.12
CA LYS C 18 17.36 -5.22 36.21
C LYS C 18 16.55 -4.58 37.33
N THR C 19 15.31 -5.04 37.49
CA THR C 19 14.39 -4.50 38.49
C THR C 19 14.28 -5.47 39.65
N THR C 20 14.65 -5.00 40.84
CA THR C 20 14.50 -5.75 42.08
C THR C 20 13.29 -5.20 42.83
N ILE C 21 12.33 -6.08 43.13
CA ILE C 21 11.11 -5.71 43.84
C ILE C 21 11.08 -6.48 45.15
N THR C 22 11.14 -5.76 46.26
CA THR C 22 11.17 -6.38 47.58
C THR C 22 9.86 -6.16 48.32
N GLU C 29 11.21 -10.62 44.08
CA GLU C 29 10.99 -10.74 42.65
C GLU C 29 12.14 -10.09 41.86
N GLU C 30 12.69 -10.83 40.91
CA GLU C 30 13.77 -10.35 40.06
C GLU C 30 13.35 -10.50 38.61
N LYS C 31 13.36 -9.39 37.87
CA LYS C 31 12.99 -9.38 36.46
C LYS C 31 14.09 -8.71 35.66
N GLU C 32 14.31 -9.21 34.45
CA GLU C 32 15.25 -8.64 33.51
C GLU C 32 14.53 -8.37 32.20
N SER C 33 14.74 -7.19 31.63
CA SER C 33 14.11 -6.82 30.37
C SER C 33 15.08 -6.02 29.52
N THR C 34 14.84 -6.02 28.22
CA THR C 34 15.63 -5.27 27.25
C THR C 34 14.71 -4.32 26.52
N ILE C 35 15.16 -3.07 26.36
CA ILE C 35 14.42 -2.04 25.64
C ILE C 35 15.33 -1.49 24.55
N THR C 36 14.91 -1.65 23.31
CA THR C 36 15.64 -1.08 22.18
C THR C 36 15.10 0.31 21.85
N LYS C 37 15.86 1.05 21.03
CA LYS C 37 15.40 2.36 20.60
C LYS C 37 14.16 2.24 19.72
N GLU C 38 14.09 1.19 18.89
CA GLU C 38 12.94 0.99 18.04
C GLU C 38 11.68 0.73 18.86
N GLU C 39 11.80 0.01 19.96
CA GLU C 39 10.65 -0.22 20.83
C GLU C 39 10.21 1.07 21.50
N VAL C 40 11.16 1.94 21.87
CA VAL C 40 10.80 3.25 22.40
C VAL C 40 10.06 4.05 21.35
N LYS C 41 10.58 4.06 20.12
CA LYS C 41 9.95 4.83 19.05
C LYS C 41 8.54 4.33 18.75
N GLU C 42 8.35 3.01 18.76
CA GLU C 42 7.04 2.46 18.45
C GLU C 42 6.02 2.67 19.57
N SER C 43 6.47 2.94 20.79
CA SER C 43 5.54 3.16 21.89
C SER C 43 4.92 4.56 21.86
N TYR C 44 5.39 5.44 20.98
CA TYR C 44 4.85 6.79 20.89
C TYR C 44 3.64 6.83 19.96
N GLU C 45 2.73 7.76 20.26
CA GLU C 45 1.48 7.86 19.51
C GLU C 45 1.74 8.15 18.04
N SER C 46 2.73 8.99 17.76
CA SER C 46 3.11 9.30 16.39
C SER C 46 4.60 9.63 16.38
N GLU C 47 5.23 9.41 15.22
CA GLU C 47 6.66 9.72 15.10
C GLU C 47 6.92 11.20 15.26
N GLU C 48 5.93 12.04 14.90
CA GLU C 48 6.05 13.48 15.14
C GLU C 48 6.22 13.77 16.62
N GLU C 49 5.46 13.08 17.48
CA GLU C 49 5.58 13.29 18.91
C GLU C 49 6.85 12.66 19.47
N TYR C 50 7.33 11.58 18.85
CA TYR C 50 8.59 11.00 19.29
C TYR C 50 9.76 11.95 19.05
N GLU C 51 9.80 12.58 17.88
CA GLU C 51 10.89 13.51 17.59
C GLU C 51 10.71 14.83 18.32
N SER C 52 9.47 15.23 18.59
CA SER C 52 9.24 16.42 19.39
C SER C 52 9.72 16.22 20.82
N THR C 53 9.39 15.07 21.41
CA THR C 53 9.91 14.74 22.73
C THR C 53 11.42 14.60 22.70
N LYS C 54 11.99 14.14 21.59
CA LYS C 54 13.44 14.01 21.46
C LYS C 54 14.10 15.38 21.50
N GLU C 55 13.56 16.35 20.75
CA GLU C 55 14.09 17.70 20.80
C GLU C 55 14.00 18.28 22.21
N ARG C 56 12.88 18.04 22.89
CA ARG C 56 12.65 18.64 24.20
C ARG C 56 13.68 18.16 25.21
N ILE C 57 14.04 16.88 25.17
CA ILE C 57 15.02 16.37 26.11
C ILE C 57 16.43 16.82 25.73
N ARG C 58 16.71 16.92 24.43
CA ARG C 58 18.02 17.41 24.00
C ARG C 58 18.27 18.84 24.43
N LYS C 59 17.22 19.66 24.51
CA LYS C 59 17.38 21.04 24.96
C LYS C 59 17.82 21.11 26.41
N LYS C 60 17.50 20.08 27.20
CA LYS C 60 17.93 20.05 28.60
C LYS C 60 19.43 19.91 28.74
N PHE C 61 20.11 19.42 27.70
CA PHE C 61 21.55 19.20 27.72
C PHE C 61 22.23 20.02 26.63
N GLU C 62 21.73 21.24 26.42
CA GLU C 62 22.19 22.07 25.31
C GLU C 62 23.69 22.35 25.39
N ASP C 63 24.21 22.59 26.59
CA ASP C 63 25.62 22.95 26.75
C ASP C 63 26.55 21.75 26.66
N LEU C 64 26.04 20.56 26.36
CA LEU C 64 26.87 19.37 26.21
C LEU C 64 27.15 19.09 24.74
N SER C 65 28.05 18.14 24.50
CA SER C 65 28.41 17.79 23.14
C SER C 65 27.24 17.09 22.44
N GLU C 66 27.34 17.02 21.10
CA GLU C 66 26.30 16.36 20.32
C GLU C 66 26.25 14.86 20.62
N LYS C 67 27.37 14.28 21.06
CA LYS C 67 27.36 12.87 21.42
C LYS C 67 26.64 12.64 22.74
N GLU C 68 26.86 13.53 23.71
CA GLU C 68 26.19 13.41 25.00
C GLU C 68 24.70 13.71 24.89
N LYS C 69 24.34 14.71 24.09
CA LYS C 69 22.92 15.00 23.88
C LYS C 69 22.21 13.81 23.25
N TYR C 70 22.89 13.11 22.34
CA TYR C 70 22.32 11.91 21.73
C TYR C 70 22.18 10.80 22.75
N THR C 71 23.23 10.53 23.53
CA THR C 71 23.21 9.44 24.50
C THR C 71 22.19 9.69 25.61
N LEU C 72 22.17 10.92 26.14
CA LEU C 72 21.35 11.19 27.32
C LEU C 72 19.88 11.29 26.98
N SER C 73 19.54 11.85 25.82
CA SER C 73 18.14 11.95 25.43
C SER C 73 17.54 10.56 25.20
N ASN C 74 18.28 9.68 24.52
CA ASN C 74 17.80 8.32 24.32
C ASN C 74 17.74 7.55 25.63
N LEU C 75 18.73 7.77 26.51
CA LEU C 75 18.70 7.13 27.82
C LEU C 75 17.47 7.57 28.62
N VAL C 76 17.12 8.85 28.55
CA VAL C 76 15.96 9.36 29.29
C VAL C 76 14.68 8.73 28.76
N LEU C 77 14.53 8.66 27.44
CA LEU C 77 13.33 8.08 26.87
C LEU C 77 13.21 6.60 27.22
N ALA C 78 14.31 5.87 27.22
CA ALA C 78 14.29 4.46 27.57
C ALA C 78 13.89 4.26 29.03
N ILE C 79 14.50 5.03 29.93
CA ILE C 79 14.16 4.92 31.35
C ILE C 79 12.71 5.32 31.59
N THR C 80 12.23 6.34 30.88
CA THR C 80 10.86 6.81 31.07
C THR C 80 9.86 5.73 30.70
N LYS C 81 10.06 5.05 29.57
CA LYS C 81 9.17 3.97 29.17
C LYS C 81 9.18 2.84 30.20
N LYS C 82 10.36 2.54 30.75
CA LYS C 82 10.45 1.46 31.73
C LYS C 82 9.71 1.80 33.01
N LEU C 83 9.83 3.05 33.48
CA LEU C 83 9.13 3.45 34.69
C LEU C 83 7.62 3.47 34.48
N LYS C 84 7.16 3.81 33.27
CA LYS C 84 5.74 3.72 32.97
C LYS C 84 5.25 2.29 33.09
N GLU C 85 6.04 1.33 32.59
CA GLU C 85 5.66 -0.07 32.67
C GLU C 85 5.53 -0.51 34.13
N LEU C 86 6.51 -0.16 34.95
CA LEU C 86 6.50 -0.57 36.36
C LEU C 86 5.38 0.12 37.13
N TYR C 87 4.95 1.30 36.68
CA TYR C 87 3.81 1.95 37.31
C TYR C 87 2.51 1.24 36.95
N GLU C 88 2.41 0.76 35.71
CA GLU C 88 1.20 0.04 35.28
C GLU C 88 1.16 -1.38 35.83
N GLU C 89 2.32 -1.97 36.10
CA GLU C 89 2.39 -3.35 36.55
C GLU C 89 2.40 -3.49 38.06
N TYR C 90 3.14 -2.63 38.76
CA TYR C 90 3.31 -2.73 40.19
C TYR C 90 2.87 -1.49 40.96
N GLY C 91 2.48 -0.42 40.27
CA GLY C 91 1.96 0.76 40.92
C GLY C 91 2.94 1.46 41.83
N ALA C 92 4.23 1.39 41.51
CA ALA C 92 5.27 1.98 42.36
C ALA C 92 5.17 3.50 42.33
N LYS C 93 5.04 4.11 43.51
CA LYS C 93 5.04 5.56 43.63
C LYS C 93 6.43 6.15 43.74
N GLU C 94 7.42 5.36 44.14
CA GLU C 94 8.81 5.77 44.19
C GLU C 94 9.69 4.67 43.61
N VAL C 95 10.64 5.05 42.77
CA VAL C 95 11.56 4.12 42.13
C VAL C 95 12.98 4.65 42.29
N LYS C 96 13.91 3.75 42.58
CA LYS C 96 15.33 4.08 42.66
C LYS C 96 16.01 3.59 41.39
N VAL C 97 16.52 4.52 40.58
CA VAL C 97 17.15 4.21 39.30
C VAL C 97 18.65 4.36 39.45
N THR C 98 19.39 3.32 39.07
CA THR C 98 20.85 3.32 39.09
C THR C 98 21.34 3.17 37.65
N ILE C 99 22.06 4.17 37.15
CA ILE C 99 22.57 4.19 35.80
C ILE C 99 24.03 3.77 35.81
N GLU C 100 24.33 2.62 35.21
CA GLU C 100 25.72 2.22 35.04
C GLU C 100 26.43 3.21 34.11
N PRO C 101 27.68 3.58 34.41
CA PRO C 101 28.37 4.58 33.58
C PRO C 101 28.41 4.18 32.11
N ILE C 102 27.85 5.04 31.25
CA ILE C 102 27.74 4.71 29.83
C ILE C 102 29.14 4.62 29.20
N ASN C 103 29.90 5.71 29.29
CA ASN C 103 31.25 5.76 28.74
C ASN C 103 32.30 5.45 29.80
N GLY C 104 31.98 4.60 30.76
CA GLY C 104 32.87 4.33 31.87
C GLY C 104 33.05 5.45 32.85
N LYS C 105 32.47 6.63 32.60
CA LYS C 105 32.61 7.81 33.43
C LYS C 105 31.34 8.02 34.25
N PRO C 106 31.44 8.19 35.56
CA PRO C 106 30.24 8.42 36.37
C PRO C 106 29.59 9.76 36.03
N LEU C 107 28.27 9.79 36.12
CA LEU C 107 27.53 11.03 35.89
C LEU C 107 27.70 11.96 37.09
N ASP C 108 28.03 13.22 36.81
CA ASP C 108 28.19 14.18 37.89
C ASP C 108 26.82 14.62 38.40
N LYS C 109 26.83 15.52 39.40
CA LYS C 109 25.58 15.93 40.04
C LYS C 109 24.68 16.67 39.07
N GLU C 110 25.25 17.57 38.26
CA GLU C 110 24.44 18.37 37.35
C GLU C 110 23.72 17.50 36.32
N THR C 111 24.43 16.52 35.74
CA THR C 111 23.82 15.68 34.72
C THR C 111 22.71 14.82 35.31
N LYS C 112 22.94 14.25 36.49
CA LYS C 112 21.91 13.43 37.13
C LYS C 112 20.66 14.25 37.45
N GLU C 113 20.85 15.49 37.90
CA GLU C 113 19.71 16.35 38.18
C GLU C 113 18.90 16.63 36.93
N ARG C 114 19.56 16.81 35.79
CA ARG C 114 18.85 17.04 34.54
C ARG C 114 18.13 15.79 34.09
N ILE C 115 18.73 14.61 34.29
CA ILE C 115 18.09 13.37 33.89
C ILE C 115 16.84 13.12 34.72
N LYS C 116 16.93 13.35 36.03
CA LYS C 116 15.77 13.19 36.90
C LYS C 116 14.67 14.18 36.53
N GLU C 117 15.04 15.43 36.26
CA GLU C 117 14.04 16.44 35.89
C GLU C 117 13.38 16.09 34.56
N SER C 118 14.15 15.57 33.61
CA SER C 118 13.58 15.20 32.31
C SER C 118 12.61 14.04 32.46
N ILE C 119 13.00 13.01 33.24
CA ILE C 119 12.16 11.83 33.40
C ILE C 119 10.85 12.20 34.09
N GLU C 120 10.93 12.92 35.21
CA GLU C 120 9.72 13.26 35.94
C GLU C 120 8.85 14.24 35.16
N GLU C 121 9.45 15.10 34.34
CA GLU C 121 8.66 15.96 33.48
C GLU C 121 7.86 15.14 32.47
N LEU C 122 8.48 14.11 31.90
CA LEU C 122 7.77 13.23 30.98
C LEU C 122 6.72 12.38 31.70
N LEU C 123 7.00 11.97 32.94
CA LEU C 123 6.04 11.16 33.68
C LEU C 123 4.83 11.97 34.08
N LYS C 124 5.04 13.17 34.62
CA LYS C 124 3.94 13.97 35.13
C LYS C 124 3.04 14.51 34.02
N GLU C 125 3.53 14.60 32.78
CA GLU C 125 2.69 15.09 31.69
C GLU C 125 1.60 14.09 31.33
N LYS C 126 1.81 12.81 31.60
CA LYS C 126 0.83 11.78 31.30
C LYS C 126 0.19 11.20 32.55
N GLY C 127 0.26 11.92 33.67
CA GLY C 127 -0.42 11.50 34.88
C GLY C 127 0.31 10.47 35.72
N TYR C 128 1.60 10.23 35.46
CA TYR C 128 2.39 9.28 36.23
C TYR C 128 3.11 10.05 37.34
N ASP C 129 2.66 9.86 38.59
CA ASP C 129 3.24 10.53 39.74
C ASP C 129 4.25 9.59 40.39
N VAL C 130 5.45 9.55 39.81
CA VAL C 130 6.54 8.69 40.27
C VAL C 130 7.72 9.58 40.64
N LYS C 131 8.28 9.36 41.82
CA LYS C 131 9.46 10.07 42.29
C LYS C 131 10.69 9.21 42.03
N VAL C 132 11.69 9.78 41.36
CA VAL C 132 12.84 9.04 40.87
C VAL C 132 14.08 9.48 41.65
N GLU C 133 14.76 8.52 42.26
CA GLU C 133 16.02 8.76 42.94
C GLU C 133 17.15 8.17 42.09
N LEU C 134 18.08 9.01 41.66
CA LEU C 134 19.18 8.59 40.82
C LEU C 134 20.44 8.38 41.65
N GLU C 135 21.11 7.25 41.43
CA GLU C 135 22.39 6.96 42.04
C GLU C 135 23.37 6.55 40.96
N GLY C 136 24.63 6.95 41.14
CA GLY C 136 25.65 6.60 40.17
C GLY C 136 25.95 5.11 40.16
N GLY C 137 26.33 4.61 38.99
CA GLY C 137 26.67 3.21 38.87
C GLY C 137 27.93 2.83 39.62
N SER C 138 28.87 3.76 39.74
CA SER C 138 30.10 3.52 40.48
C SER C 138 30.39 4.64 41.47
N MET D 1 -26.75 -7.99 35.14
CA MET D 1 -26.00 -8.11 36.38
C MET D 1 -24.60 -7.52 36.24
N SER D 2 -23.62 -8.13 36.89
CA SER D 2 -22.23 -7.72 36.75
C SER D 2 -21.74 -8.03 35.34
N VAL D 3 -21.39 -6.99 34.58
CA VAL D 3 -21.01 -7.13 33.19
C VAL D 3 -19.60 -6.57 33.02
N GLU D 4 -18.70 -7.42 32.51
CA GLU D 4 -17.31 -7.04 32.29
C GLU D 4 -16.93 -7.37 30.85
N VAL D 5 -16.51 -6.35 30.11
CA VAL D 5 -16.19 -6.48 28.69
C VAL D 5 -14.69 -6.26 28.51
N LYS D 6 -14.08 -7.10 27.67
CA LYS D 6 -12.70 -6.93 27.24
C LYS D 6 -12.71 -6.74 25.74
N VAL D 7 -12.14 -5.65 25.27
CA VAL D 7 -12.12 -5.31 23.85
C VAL D 7 -10.68 -5.34 23.36
N THR D 8 -10.47 -5.95 22.20
CA THR D 8 -9.15 -6.04 21.57
C THR D 8 -9.30 -5.61 20.12
N GLN D 9 -8.54 -4.58 19.72
CA GLN D 9 -8.54 -4.14 18.33
C GLN D 9 -7.64 -5.07 17.53
N ILE D 10 -8.27 -6.01 16.82
CA ILE D 10 -7.51 -6.90 15.95
C ILE D 10 -6.82 -6.10 14.85
N ASP D 11 -7.56 -5.20 14.22
CA ASP D 11 -7.03 -4.26 13.24
C ASP D 11 -7.98 -3.07 13.18
N ASP D 12 -7.63 -2.10 12.35
CA ASP D 12 -8.44 -0.87 12.26
C ASP D 12 -9.85 -1.10 11.68
N GLU D 13 -10.28 -2.34 11.40
CA GLU D 13 -11.65 -2.61 10.98
C GLU D 13 -12.27 -3.75 11.77
N THR D 14 -11.61 -4.24 12.82
CA THR D 14 -12.05 -5.43 13.51
C THR D 14 -11.80 -5.29 15.01
N TRP D 15 -12.85 -5.49 15.80
CA TRP D 15 -12.76 -5.39 17.25
C TRP D 15 -13.35 -6.66 17.87
N LYS D 16 -12.55 -7.34 18.69
CA LYS D 16 -12.94 -8.56 19.36
C LYS D 16 -13.44 -8.23 20.76
N PHE D 17 -14.61 -8.74 21.12
CA PHE D 17 -15.22 -8.49 22.41
C PHE D 17 -15.42 -9.80 23.17
N LYS D 18 -15.08 -9.78 24.46
CA LYS D 18 -15.35 -10.89 25.37
C LYS D 18 -16.08 -10.34 26.57
N THR D 19 -17.33 -10.78 26.77
CA THR D 19 -18.18 -10.28 27.84
C THR D 19 -18.44 -11.39 28.85
N THR D 20 -18.15 -11.12 30.12
CA THR D 20 -18.42 -12.03 31.21
C THR D 20 -19.53 -11.45 32.07
N ILE D 21 -20.67 -12.13 32.10
CA ILE D 21 -21.79 -11.74 32.96
C ILE D 21 -21.77 -12.63 34.20
N THR D 22 -21.62 -12.01 35.36
CA THR D 22 -21.65 -12.72 36.63
C THR D 22 -23.01 -12.47 37.28
N LYS D 23 -23.83 -13.51 37.35
CA LYS D 23 -25.17 -13.39 37.89
C LYS D 23 -25.11 -13.19 39.41
N GLU D 24 -26.27 -12.83 39.98
CA GLU D 24 -26.32 -12.56 41.41
C GLU D 24 -26.02 -13.79 42.25
N ASN D 25 -26.18 -14.99 41.70
CA ASN D 25 -25.86 -16.22 42.41
C ASN D 25 -24.40 -16.64 42.23
N GLY D 26 -23.63 -15.91 41.44
CA GLY D 26 -22.22 -16.16 41.28
C GLY D 26 -21.83 -16.90 39.99
N GLU D 27 -22.75 -17.64 39.40
CA GLU D 27 -22.44 -18.37 38.18
C GLU D 27 -22.29 -17.41 37.01
N LYS D 28 -21.49 -17.81 36.03
CA LYS D 28 -21.03 -16.92 34.98
C LYS D 28 -21.57 -17.34 33.61
N GLU D 29 -21.74 -16.34 32.76
CA GLU D 29 -22.02 -16.52 31.34
C GLU D 29 -20.95 -15.81 30.54
N GLU D 30 -20.29 -16.55 29.65
CA GLU D 30 -19.18 -16.01 28.86
C GLU D 30 -19.60 -15.94 27.39
N LYS D 31 -19.37 -14.79 26.78
CA LYS D 31 -19.78 -14.53 25.41
C LYS D 31 -18.63 -13.95 24.61
N GLU D 32 -18.63 -14.25 23.31
CA GLU D 32 -17.65 -13.73 22.37
C GLU D 32 -18.37 -13.15 21.16
N SER D 33 -17.76 -12.13 20.57
CA SER D 33 -18.32 -11.52 19.36
C SER D 33 -17.24 -10.72 18.66
N THR D 34 -17.45 -10.50 17.37
CA THR D 34 -16.58 -9.67 16.56
C THR D 34 -17.42 -8.56 15.93
N ILE D 35 -16.98 -7.32 16.08
CA ILE D 35 -17.64 -6.16 15.50
C ILE D 35 -16.69 -5.55 14.48
N THR D 36 -17.15 -5.46 13.23
CA THR D 36 -16.38 -4.86 12.15
C THR D 36 -16.80 -3.42 11.95
N LYS D 37 -15.94 -2.65 11.26
CA LYS D 37 -16.25 -1.25 11.03
C LYS D 37 -17.46 -1.08 10.12
N GLU D 38 -17.65 -1.99 9.16
CA GLU D 38 -18.84 -1.92 8.32
C GLU D 38 -20.11 -2.12 9.13
N GLU D 39 -20.06 -3.00 10.13
CA GLU D 39 -21.22 -3.23 10.98
C GLU D 39 -21.50 -2.02 11.88
N VAL D 40 -20.45 -1.31 12.31
CA VAL D 40 -20.65 -0.07 13.05
C VAL D 40 -21.32 0.97 12.16
N LYS D 41 -20.83 1.10 10.92
CA LYS D 41 -21.40 2.07 10.01
C LYS D 41 -22.85 1.80 9.71
N GLU D 42 -23.20 0.53 9.50
CA GLU D 42 -24.58 0.16 9.17
C GLU D 42 -25.51 0.17 10.38
N SER D 43 -24.97 0.21 11.60
CA SER D 43 -25.83 0.28 12.77
C SER D 43 -26.47 1.66 12.93
N TYR D 44 -26.05 2.64 12.14
CA TYR D 44 -26.65 3.96 12.16
C TYR D 44 -27.75 4.07 11.11
N GLU D 45 -28.71 4.96 11.36
CA GLU D 45 -29.84 5.10 10.46
C GLU D 45 -29.42 5.67 9.11
N SER D 46 -28.37 6.48 9.07
CA SER D 46 -27.84 7.00 7.83
C SER D 46 -26.32 7.04 7.92
N GLU D 47 -25.66 6.96 6.76
CA GLU D 47 -24.21 7.09 6.74
C GLU D 47 -23.79 8.52 7.05
N GLU D 48 -24.64 9.51 6.74
CA GLU D 48 -24.36 10.88 7.14
C GLU D 48 -24.24 11.00 8.66
N GLU D 49 -25.18 10.40 9.39
CA GLU D 49 -25.12 10.43 10.85
C GLU D 49 -23.92 9.67 11.36
N TYR D 50 -23.55 8.58 10.69
CA TYR D 50 -22.36 7.81 11.09
C TYR D 50 -21.11 8.67 11.02
N GLU D 51 -20.93 9.41 9.93
CA GLU D 51 -19.75 10.25 9.79
C GLU D 51 -19.84 11.51 10.63
N SER D 52 -21.06 12.02 10.87
CA SER D 52 -21.22 13.15 11.77
C SER D 52 -20.82 12.77 13.20
N THR D 53 -21.30 11.61 13.67
CA THR D 53 -20.95 11.16 15.00
C THR D 53 -19.45 10.90 15.13
N LYS D 54 -18.86 10.30 14.09
CA LYS D 54 -17.41 10.06 14.11
C LYS D 54 -16.63 11.36 14.21
N GLU D 55 -17.05 12.38 13.44
CA GLU D 55 -16.36 13.66 13.49
C GLU D 55 -16.51 14.34 14.85
N ARG D 56 -17.66 14.15 15.50
CA ARG D 56 -17.84 14.71 16.84
C ARG D 56 -16.80 14.17 17.81
N ILE D 57 -16.49 12.88 17.71
CA ILE D 57 -15.50 12.28 18.60
C ILE D 57 -14.10 12.73 18.22
N ARG D 58 -13.81 12.84 16.92
CA ARG D 58 -12.55 13.43 16.48
C ARG D 58 -12.40 14.84 17.01
N LYS D 59 -13.51 15.58 17.12
CA LYS D 59 -13.45 16.95 17.62
C LYS D 59 -13.03 17.01 19.08
N LYS D 60 -13.49 16.04 19.88
CA LYS D 60 -13.14 16.02 21.29
C LYS D 60 -11.65 15.80 21.51
N PHE D 61 -11.00 15.05 20.61
CA PHE D 61 -9.57 14.78 20.68
C PHE D 61 -8.79 15.62 19.67
N GLU D 62 -9.30 16.80 19.33
CA GLU D 62 -8.65 17.69 18.37
C GLU D 62 -7.23 18.07 18.80
N ASP D 63 -6.92 18.01 20.09
CA ASP D 63 -5.60 18.32 20.59
C ASP D 63 -4.57 17.22 20.35
N LEU D 64 -5.00 16.06 19.87
CA LEU D 64 -4.12 14.92 19.66
C LEU D 64 -3.77 14.76 18.18
N SER D 65 -2.83 13.88 17.90
CA SER D 65 -2.37 13.66 16.54
C SER D 65 -3.43 12.98 15.70
N GLU D 66 -3.25 13.03 14.39
CA GLU D 66 -4.21 12.45 13.46
C GLU D 66 -4.35 10.94 13.68
N LYS D 67 -3.25 10.27 14.01
CA LYS D 67 -3.29 8.82 14.19
C LYS D 67 -4.08 8.44 15.43
N GLU D 68 -4.01 9.26 16.49
CA GLU D 68 -4.75 8.94 17.70
C GLU D 68 -6.22 9.33 17.57
N LYS D 69 -6.50 10.43 16.86
CA LYS D 69 -7.90 10.78 16.60
C LYS D 69 -8.59 9.68 15.79
N TYR D 70 -7.85 9.08 14.85
CA TYR D 70 -8.38 7.97 14.08
C TYR D 70 -8.70 6.78 14.99
N THR D 71 -7.75 6.41 15.86
CA THR D 71 -7.93 5.23 16.69
C THR D 71 -9.02 5.44 17.74
N LEU D 72 -9.02 6.59 18.40
CA LEU D 72 -9.95 6.81 19.50
C LEU D 72 -11.38 6.98 19.00
N SER D 73 -11.58 7.69 17.89
CA SER D 73 -12.93 7.92 17.40
C SER D 73 -13.59 6.62 16.99
N ASN D 74 -12.87 5.77 16.25
CA ASN D 74 -13.43 4.50 15.81
C ASN D 74 -13.54 3.51 16.97
N LEU D 75 -12.63 3.57 17.94
CA LEU D 75 -12.73 2.71 19.11
C LEU D 75 -13.97 3.05 19.92
N VAL D 76 -14.28 4.34 20.06
CA VAL D 76 -15.45 4.76 20.82
C VAL D 76 -16.73 4.26 20.15
N LEU D 77 -16.80 4.36 18.81
CA LEU D 77 -17.99 3.93 18.11
C LEU D 77 -18.23 2.43 18.28
N ALA D 78 -17.16 1.64 18.28
CA ALA D 78 -17.31 0.19 18.40
C ALA D 78 -17.76 -0.20 19.80
N ILE D 79 -17.14 0.39 20.82
CA ILE D 79 -17.52 0.09 22.20
C ILE D 79 -18.95 0.54 22.49
N THR D 80 -19.31 1.73 22.00
CA THR D 80 -20.68 2.22 22.19
C THR D 80 -21.70 1.25 21.61
N LYS D 81 -21.42 0.70 20.43
CA LYS D 81 -22.34 -0.25 19.82
C LYS D 81 -22.51 -1.49 20.70
N LYS D 82 -21.40 -2.03 21.21
CA LYS D 82 -21.49 -3.22 22.05
C LYS D 82 -22.24 -2.93 23.35
N LEU D 83 -22.00 -1.76 23.96
CA LEU D 83 -22.65 -1.45 25.23
C LEU D 83 -24.16 -1.27 25.07
N LYS D 84 -24.59 -0.71 23.94
CA LYS D 84 -26.03 -0.60 23.69
C LYS D 84 -26.67 -1.97 23.60
N GLU D 85 -26.01 -2.91 22.92
CA GLU D 85 -26.54 -4.27 22.84
C GLU D 85 -26.63 -4.92 24.21
N LEU D 86 -25.59 -4.76 25.03
CA LEU D 86 -25.59 -5.37 26.35
C LEU D 86 -26.64 -4.75 27.26
N TYR D 87 -26.95 -3.46 27.07
CA TYR D 87 -27.98 -2.83 27.88
C TYR D 87 -29.36 -3.37 27.52
N GLU D 88 -29.59 -3.67 26.24
CA GLU D 88 -30.89 -4.18 25.84
C GLU D 88 -31.10 -5.62 26.30
N GLU D 89 -30.02 -6.39 26.41
CA GLU D 89 -30.11 -7.80 26.78
C GLU D 89 -30.10 -8.01 28.30
N TYR D 90 -29.28 -7.26 29.02
CA TYR D 90 -29.09 -7.48 30.44
C TYR D 90 -29.49 -6.29 31.32
N GLY D 91 -29.73 -5.12 30.74
CA GLY D 91 -30.14 -3.98 31.54
C GLY D 91 -29.13 -3.52 32.55
N ALA D 92 -27.84 -3.82 32.33
CA ALA D 92 -26.81 -3.47 33.30
C ALA D 92 -26.60 -1.96 33.30
N LYS D 93 -26.89 -1.32 34.43
CA LYS D 93 -26.68 0.11 34.58
C LYS D 93 -25.22 0.47 34.84
N GLU D 94 -24.36 -0.52 35.08
CA GLU D 94 -22.93 -0.32 35.26
C GLU D 94 -22.20 -1.42 34.52
N VAL D 95 -21.18 -1.03 33.75
CA VAL D 95 -20.39 -1.98 32.98
C VAL D 95 -18.92 -1.62 33.09
N LYS D 96 -18.06 -2.63 33.24
CA LYS D 96 -16.63 -2.45 33.26
C LYS D 96 -16.05 -2.84 31.91
N VAL D 97 -15.21 -1.98 31.35
CA VAL D 97 -14.63 -2.18 30.03
C VAL D 97 -13.11 -2.13 30.14
N THR D 98 -12.45 -3.17 29.64
CA THR D 98 -10.99 -3.29 29.66
C THR D 98 -10.50 -3.25 28.22
N ILE D 99 -9.78 -2.19 27.87
CA ILE D 99 -9.27 -2.00 26.51
C ILE D 99 -7.84 -2.51 26.47
N GLU D 100 -7.62 -3.59 25.71
CA GLU D 100 -6.28 -4.12 25.55
C GLU D 100 -5.41 -3.13 24.77
N PRO D 101 -4.09 -3.17 24.97
CA PRO D 101 -3.21 -2.18 24.34
C PRO D 101 -3.33 -2.19 22.82
N ILE D 102 -3.71 -1.04 22.27
CA ILE D 102 -3.89 -0.89 20.82
C ILE D 102 -2.52 -0.74 20.18
N ASN D 103 -2.15 -1.71 19.34
CA ASN D 103 -0.89 -1.70 18.60
C ASN D 103 0.32 -1.56 19.53
N GLY D 104 0.20 -2.07 20.76
CA GLY D 104 1.30 -2.11 21.69
C GLY D 104 1.49 -0.87 22.54
N LYS D 105 0.73 0.21 22.30
CA LYS D 105 1.01 1.38 23.12
C LYS D 105 -0.02 1.51 24.24
N PRO D 106 0.39 2.04 25.39
CA PRO D 106 -0.48 2.08 26.57
C PRO D 106 -1.50 3.21 26.49
N LEU D 107 -2.38 3.26 27.49
CA LEU D 107 -3.42 4.26 27.59
C LEU D 107 -3.30 4.93 28.96
N ASP D 108 -3.05 6.24 28.96
CA ASP D 108 -2.81 6.95 30.21
C ASP D 108 -4.14 7.26 30.90
N LYS D 109 -4.05 7.93 32.05
CA LYS D 109 -5.22 8.14 32.89
C LYS D 109 -6.21 9.11 32.27
N GLU D 110 -5.71 10.24 31.74
CA GLU D 110 -6.60 11.26 31.22
C GLU D 110 -7.30 10.79 29.94
N THR D 111 -6.59 10.06 29.08
CA THR D 111 -7.22 9.55 27.87
C THR D 111 -8.31 8.54 28.20
N LYS D 112 -8.11 7.72 29.23
CA LYS D 112 -9.16 6.81 29.67
C LYS D 112 -10.39 7.57 30.14
N GLU D 113 -10.18 8.70 30.83
CA GLU D 113 -11.31 9.49 31.28
C GLU D 113 -12.07 10.12 30.11
N ARG D 114 -11.34 10.54 29.08
CA ARG D 114 -12.00 11.16 27.93
C ARG D 114 -12.72 10.12 27.07
N ILE D 115 -12.17 8.91 26.95
CA ILE D 115 -12.88 7.84 26.25
C ILE D 115 -14.16 7.48 26.99
N LYS D 116 -14.10 7.43 28.32
CA LYS D 116 -15.29 7.16 29.12
C LYS D 116 -16.34 8.26 28.92
N GLU D 117 -15.90 9.51 28.84
CA GLU D 117 -16.83 10.61 28.64
C GLU D 117 -17.50 10.53 27.27
N SER D 118 -16.72 10.20 26.23
CA SER D 118 -17.29 10.09 24.89
C SER D 118 -18.32 8.98 24.81
N ILE D 119 -18.03 7.84 25.44
CA ILE D 119 -18.94 6.70 25.38
C ILE D 119 -20.25 7.04 26.10
N GLU D 120 -20.15 7.54 27.33
CA GLU D 120 -21.34 7.83 28.11
C GLU D 120 -22.17 8.95 27.50
N GLU D 121 -21.53 9.90 26.82
CA GLU D 121 -22.28 10.95 26.14
C GLU D 121 -23.09 10.39 24.98
N LEU D 122 -22.50 9.49 24.20
CA LEU D 122 -23.23 8.88 23.09
C LEU D 122 -24.36 7.99 23.59
N LEU D 123 -24.12 7.21 24.64
CA LEU D 123 -25.16 6.35 25.20
C LEU D 123 -26.31 7.18 25.76
N LYS D 124 -25.99 8.21 26.55
CA LYS D 124 -27.03 9.03 27.17
C LYS D 124 -27.85 9.78 26.13
N GLU D 125 -27.26 10.07 24.96
CA GLU D 125 -28.03 10.72 23.90
C GLU D 125 -29.16 9.83 23.40
N LYS D 126 -28.97 8.51 23.44
CA LYS D 126 -29.98 7.57 22.97
C LYS D 126 -30.78 6.96 24.12
N GLY D 127 -30.77 7.61 25.29
CA GLY D 127 -31.54 7.13 26.42
C GLY D 127 -30.90 6.00 27.22
N TYR D 128 -29.63 5.71 26.98
CA TYR D 128 -28.91 4.65 27.69
C TYR D 128 -28.16 5.27 28.86
N ASP D 129 -28.68 5.07 30.07
CA ASP D 129 -28.07 5.61 31.30
C ASP D 129 -27.15 4.55 31.87
N VAL D 130 -25.91 4.53 31.38
CA VAL D 130 -24.92 3.53 31.76
C VAL D 130 -23.67 4.23 32.27
N LYS D 131 -23.13 3.73 33.38
CA LYS D 131 -21.86 4.20 33.92
C LYS D 131 -20.76 3.23 33.55
N VAL D 132 -19.72 3.73 32.89
CA VAL D 132 -18.67 2.91 32.30
C VAL D 132 -17.40 3.08 33.12
N GLU D 133 -16.80 1.96 33.53
CA GLU D 133 -15.51 1.95 34.20
C GLU D 133 -14.46 1.44 33.23
N LEU D 134 -13.51 2.31 32.86
CA LEU D 134 -12.46 1.96 31.91
C LEU D 134 -11.19 1.55 32.64
N GLU D 135 -10.52 0.54 32.11
CA GLU D 135 -9.26 0.05 32.66
C GLU D 135 -8.29 -0.23 31.51
N GLY D 136 -7.01 -0.27 31.86
CA GLY D 136 -5.98 -0.64 30.89
C GLY D 136 -5.86 -2.15 30.79
N GLY D 137 -5.66 -2.63 29.56
CA GLY D 137 -5.61 -4.05 29.30
C GLY D 137 -4.35 -4.75 29.77
N SER D 138 -3.19 -4.14 29.48
CA SER D 138 -1.88 -4.73 29.80
C SER D 138 -1.71 -6.11 29.19
N MET E 1 26.20 1.19 -9.83
CA MET E 1 25.11 0.36 -9.33
C MET E 1 24.52 -0.49 -10.46
N SER E 2 23.43 -1.20 -10.14
CA SER E 2 22.71 -1.98 -11.14
C SER E 2 22.11 -1.06 -12.20
N VAL E 3 22.59 -1.17 -13.43
CA VAL E 3 22.14 -0.31 -14.53
C VAL E 3 21.61 -1.20 -15.65
N GLU E 4 20.34 -1.03 -15.97
CA GLU E 4 19.68 -1.79 -17.03
C GLU E 4 19.09 -0.82 -18.03
N VAL E 5 19.41 -1.01 -19.31
CA VAL E 5 19.06 -0.09 -20.37
C VAL E 5 18.22 -0.81 -21.42
N LYS E 6 17.16 -0.15 -21.88
CA LYS E 6 16.32 -0.65 -22.96
C LYS E 6 16.43 0.31 -24.15
N VAL E 7 16.74 -0.22 -25.32
CA VAL E 7 17.01 0.57 -26.52
C VAL E 7 15.96 0.25 -27.57
N THR E 8 15.31 1.29 -28.09
CA THR E 8 14.34 1.15 -29.16
C THR E 8 14.73 2.13 -30.27
N GLN E 9 14.92 1.61 -31.48
CA GLN E 9 15.24 2.45 -32.63
C GLN E 9 13.93 2.94 -33.25
N ILE E 10 13.63 4.23 -33.05
CA ILE E 10 12.42 4.82 -33.61
C ILE E 10 12.53 4.91 -35.13
N ASP E 11 13.67 5.43 -35.61
CA ASP E 11 13.94 5.51 -37.04
C ASP E 11 15.45 5.50 -37.22
N ASP E 12 15.90 5.77 -38.46
CA ASP E 12 17.32 5.73 -38.76
C ASP E 12 18.12 6.81 -38.06
N GLU E 13 17.46 7.77 -37.41
CA GLU E 13 18.15 8.86 -36.73
C GLU E 13 17.68 9.08 -35.30
N THR E 14 16.97 8.12 -34.71
CA THR E 14 16.36 8.33 -33.39
C THR E 14 16.42 7.04 -32.58
N TRP E 15 16.95 7.13 -31.36
CA TRP E 15 17.05 5.99 -30.46
C TRP E 15 16.52 6.41 -29.09
N LYS E 16 15.51 5.68 -28.61
CA LYS E 16 14.92 5.93 -27.31
C LYS E 16 15.53 4.99 -26.27
N PHE E 17 15.89 5.54 -25.12
CA PHE E 17 16.49 4.78 -24.03
C PHE E 17 15.63 4.89 -22.78
N LYS E 18 15.44 3.76 -22.11
CA LYS E 18 14.81 3.71 -20.80
C LYS E 18 15.74 2.96 -19.86
N THR E 19 16.10 3.59 -18.75
CA THR E 19 17.12 3.05 -17.86
C THR E 19 16.58 2.95 -16.43
N THR E 20 16.90 1.83 -15.78
CA THR E 20 16.57 1.62 -14.37
C THR E 20 17.88 1.45 -13.60
N ILE E 21 18.11 2.33 -12.62
CA ILE E 21 19.26 2.24 -11.74
C ILE E 21 18.78 1.76 -10.38
N THR E 22 19.39 0.69 -9.88
CA THR E 22 19.06 0.12 -8.58
C THR E 22 20.29 0.18 -7.69
N LYS E 23 20.24 1.03 -6.66
CA LYS E 23 21.32 1.12 -5.70
C LYS E 23 21.19 0.04 -4.64
N GLU E 24 22.30 -0.26 -3.97
CA GLU E 24 22.30 -1.35 -2.99
C GLU E 24 21.43 -1.03 -1.78
N ASN E 25 21.21 0.24 -1.48
CA ASN E 25 20.39 0.62 -0.33
C ASN E 25 18.90 0.63 -0.65
N GLY E 26 18.50 0.25 -1.86
CA GLY E 26 17.10 0.11 -2.22
C GLY E 26 16.57 1.20 -3.12
N GLU E 27 17.29 2.31 -3.29
CA GLU E 27 16.82 3.39 -4.15
C GLU E 27 16.80 2.94 -5.60
N LYS E 28 15.73 3.30 -6.31
CA LYS E 28 15.57 2.96 -7.71
C LYS E 28 15.20 4.20 -8.49
N GLU E 29 15.81 4.37 -9.67
CA GLU E 29 15.57 5.52 -10.52
C GLU E 29 15.17 5.05 -11.91
N GLU E 30 14.05 5.58 -12.41
CA GLU E 30 13.59 5.33 -13.76
C GLU E 30 13.90 6.55 -14.63
N LYS E 31 14.42 6.29 -15.83
CA LYS E 31 14.89 7.35 -16.70
C LYS E 31 14.42 7.12 -18.13
N GLU E 32 14.25 8.22 -18.85
CA GLU E 32 13.93 8.20 -20.27
C GLU E 32 14.70 9.32 -20.96
N SER E 33 15.24 9.02 -22.13
CA SER E 33 15.99 10.00 -22.91
C SER E 33 16.04 9.54 -24.35
N THR E 34 16.15 10.51 -25.26
CA THR E 34 16.17 10.25 -26.69
C THR E 34 17.43 10.85 -27.28
N ILE E 35 18.23 10.01 -27.95
CA ILE E 35 19.47 10.42 -28.59
C ILE E 35 19.26 10.39 -30.10
N THR E 36 19.62 11.48 -30.76
CA THR E 36 19.51 11.60 -32.20
C THR E 36 20.86 11.35 -32.87
N LYS E 37 20.81 10.95 -34.13
CA LYS E 37 22.04 10.70 -34.88
C LYS E 37 22.89 11.95 -34.97
N GLU E 38 22.26 13.13 -35.01
CA GLU E 38 23.01 14.38 -35.00
C GLU E 38 23.78 14.55 -33.70
N GLU E 39 23.15 14.20 -32.58
CA GLU E 39 23.82 14.33 -31.28
C GLU E 39 24.95 13.31 -31.13
N VAL E 40 24.78 12.12 -31.70
CA VAL E 40 25.87 11.16 -31.75
C VAL E 40 27.04 11.73 -32.54
N LYS E 41 26.73 12.31 -33.71
CA LYS E 41 27.77 12.89 -34.55
C LYS E 41 28.49 14.03 -33.84
N GLU E 42 27.75 14.86 -33.11
CA GLU E 42 28.34 16.01 -32.45
C GLU E 42 29.14 15.64 -31.21
N SER E 43 28.93 14.45 -30.64
CA SER E 43 29.69 14.05 -29.47
C SER E 43 31.14 13.70 -29.80
N TYR E 44 31.49 13.61 -31.09
CA TYR E 44 32.86 13.38 -31.50
C TYR E 44 33.54 14.71 -31.81
N GLU E 45 34.87 14.74 -31.64
CA GLU E 45 35.61 15.98 -31.79
C GLU E 45 35.50 16.54 -33.21
N SER E 46 35.38 15.67 -34.20
CA SER E 46 35.28 16.12 -35.58
C SER E 46 34.45 15.13 -36.38
N GLU E 47 33.92 15.61 -37.51
CA GLU E 47 33.22 14.72 -38.43
C GLU E 47 34.13 13.62 -38.95
N GLU E 48 35.43 13.91 -39.10
CA GLU E 48 36.38 12.91 -39.57
C GLU E 48 36.55 11.79 -38.56
N GLU E 49 36.65 12.12 -37.27
CA GLU E 49 36.75 11.09 -36.25
C GLU E 49 35.47 10.26 -36.17
N TYR E 50 34.32 10.89 -36.42
CA TYR E 50 33.05 10.17 -36.41
C TYR E 50 32.99 9.14 -37.54
N GLU E 51 33.46 9.52 -38.73
CA GLU E 51 33.49 8.56 -39.84
C GLU E 51 34.51 7.46 -39.58
N SER E 52 35.64 7.80 -38.95
CA SER E 52 36.65 6.80 -38.66
C SER E 52 36.12 5.73 -37.72
N THR E 53 35.48 6.15 -36.63
CA THR E 53 34.91 5.20 -35.68
C THR E 53 33.84 4.35 -36.34
N LYS E 54 32.98 4.98 -37.15
CA LYS E 54 31.94 4.23 -37.85
C LYS E 54 32.53 3.17 -38.77
N GLU E 55 33.64 3.49 -39.44
CA GLU E 55 34.26 2.50 -40.32
C GLU E 55 34.83 1.33 -39.53
N ARG E 56 35.44 1.61 -38.37
CA ARG E 56 35.97 0.53 -37.54
C ARG E 56 34.86 -0.39 -37.05
N ILE E 57 33.68 0.18 -36.77
CA ILE E 57 32.55 -0.66 -36.35
C ILE E 57 32.03 -1.47 -37.53
N ARG E 58 32.01 -0.87 -38.72
CA ARG E 58 31.59 -1.61 -39.90
C ARG E 58 32.53 -2.76 -40.21
N LYS E 59 33.83 -2.59 -39.94
CA LYS E 59 34.79 -3.67 -40.16
C LYS E 59 34.58 -4.84 -39.20
N LYS E 60 33.88 -4.63 -38.09
CA LYS E 60 33.59 -5.70 -37.15
C LYS E 60 32.42 -6.57 -37.58
N PHE E 61 31.65 -6.14 -38.58
CA PHE E 61 30.52 -6.90 -39.10
C PHE E 61 30.64 -7.13 -40.60
N GLU E 62 31.88 -7.33 -41.07
CA GLU E 62 32.11 -7.48 -42.50
C GLU E 62 31.45 -8.72 -43.07
N ASP E 63 31.15 -9.71 -42.23
CA ASP E 63 30.48 -10.94 -42.67
C ASP E 63 28.98 -10.76 -42.85
N LEU E 64 28.44 -9.58 -42.57
CA LEU E 64 27.00 -9.34 -42.68
C LEU E 64 26.72 -8.46 -43.89
N SER E 65 25.44 -8.40 -44.26
CA SER E 65 25.02 -7.63 -45.43
C SER E 65 25.27 -6.14 -45.20
N GLU E 66 25.11 -5.37 -46.29
CA GLU E 66 25.33 -3.93 -46.20
C GLU E 66 24.24 -3.25 -45.38
N LYS E 67 23.00 -3.73 -45.48
CA LYS E 67 21.93 -3.16 -44.66
C LYS E 67 22.16 -3.44 -43.18
N GLU E 68 22.63 -4.65 -42.85
CA GLU E 68 22.89 -4.99 -41.46
C GLU E 68 24.07 -4.20 -40.91
N LYS E 69 25.14 -4.06 -41.71
CA LYS E 69 26.27 -3.25 -41.28
C LYS E 69 25.84 -1.80 -41.02
N TYR E 70 24.94 -1.29 -41.87
CA TYR E 70 24.44 0.07 -41.69
C TYR E 70 23.64 0.18 -40.40
N THR E 71 22.75 -0.78 -40.14
CA THR E 71 21.92 -0.74 -38.94
C THR E 71 22.76 -0.92 -37.69
N LEU E 72 23.65 -1.92 -37.67
CA LEU E 72 24.36 -2.27 -36.45
C LEU E 72 25.42 -1.22 -36.10
N SER E 73 26.08 -0.65 -37.09
CA SER E 73 27.13 0.32 -36.80
C SER E 73 26.54 1.58 -36.15
N ASN E 74 25.47 2.12 -36.72
CA ASN E 74 24.83 3.29 -36.13
C ASN E 74 24.18 2.96 -34.80
N LEU E 75 23.68 1.73 -34.63
CA LEU E 75 23.13 1.31 -33.35
C LEU E 75 24.21 1.26 -32.28
N VAL E 76 25.40 0.76 -32.63
CA VAL E 76 26.50 0.65 -31.67
C VAL E 76 26.93 2.04 -31.22
N LEU E 77 27.00 2.99 -32.16
CA LEU E 77 27.44 4.35 -31.80
C LEU E 77 26.45 5.03 -30.85
N ALA E 78 25.15 4.83 -31.07
CA ALA E 78 24.16 5.47 -30.22
C ALA E 78 24.15 4.87 -28.82
N ILE E 79 24.26 3.54 -28.72
CA ILE E 79 24.29 2.89 -27.42
C ILE E 79 25.57 3.24 -26.69
N THR E 80 26.69 3.34 -27.42
CA THR E 80 27.96 3.69 -26.79
C THR E 80 27.90 5.08 -26.15
N LYS E 81 27.27 6.03 -26.84
CA LYS E 81 27.17 7.39 -26.29
C LYS E 81 26.34 7.39 -25.01
N LYS E 82 25.22 6.67 -25.00
CA LYS E 82 24.38 6.63 -23.80
C LYS E 82 25.12 5.94 -22.65
N LEU E 83 25.86 4.87 -22.95
CA LEU E 83 26.62 4.20 -21.89
C LEU E 83 27.76 5.07 -21.38
N LYS E 84 28.36 5.90 -22.25
CA LYS E 84 29.32 6.88 -21.79
C LYS E 84 28.69 7.83 -20.78
N GLU E 85 27.47 8.29 -21.08
CA GLU E 85 26.80 9.22 -20.18
C GLU E 85 26.41 8.55 -18.87
N LEU E 86 26.00 7.28 -18.92
CA LEU E 86 25.61 6.60 -17.69
C LEU E 86 26.82 6.30 -16.82
N TYR E 87 27.97 5.99 -17.42
CA TYR E 87 29.18 5.81 -16.62
C TYR E 87 29.64 7.11 -16.00
N GLU E 88 29.42 8.23 -16.69
CA GLU E 88 29.80 9.53 -16.13
C GLU E 88 28.83 10.00 -15.05
N GLU E 89 27.60 9.49 -15.06
CA GLU E 89 26.62 9.88 -14.05
C GLU E 89 26.64 8.95 -12.83
N TYR E 90 26.91 7.66 -13.02
CA TYR E 90 26.84 6.69 -11.94
C TYR E 90 28.11 5.89 -11.71
N GLY E 91 29.04 5.86 -12.67
CA GLY E 91 30.27 5.10 -12.49
C GLY E 91 30.08 3.61 -12.46
N ALA E 92 29.01 3.09 -13.07
CA ALA E 92 28.75 1.66 -13.04
C ALA E 92 29.73 0.92 -13.94
N LYS E 93 30.34 -0.13 -13.41
CA LYS E 93 31.30 -0.94 -14.15
C LYS E 93 30.65 -2.04 -14.97
N GLU E 94 29.32 -2.17 -14.90
CA GLU E 94 28.62 -3.21 -15.65
C GLU E 94 27.21 -2.74 -15.96
N VAL E 95 26.76 -2.95 -17.19
CA VAL E 95 25.45 -2.54 -17.65
C VAL E 95 24.82 -3.67 -18.45
N LYS E 96 23.54 -3.94 -18.19
CA LYS E 96 22.76 -4.90 -18.96
C LYS E 96 21.92 -4.13 -19.99
N VAL E 97 22.08 -4.48 -21.26
CA VAL E 97 21.42 -3.79 -22.36
C VAL E 97 20.42 -4.73 -23.02
N THR E 98 19.23 -4.19 -23.31
CA THR E 98 18.17 -4.92 -24.00
C THR E 98 17.76 -4.12 -25.22
N ILE E 99 17.93 -4.70 -26.40
CA ILE E 99 17.67 -4.02 -27.67
C ILE E 99 16.40 -4.59 -28.27
N GLU E 100 15.46 -3.71 -28.61
CA GLU E 100 14.24 -4.15 -29.27
C GLU E 100 14.54 -4.57 -30.71
N PRO E 101 13.74 -5.48 -31.27
CA PRO E 101 13.98 -5.92 -32.65
C PRO E 101 13.82 -4.78 -33.65
N ILE E 102 14.59 -4.85 -34.73
CA ILE E 102 14.64 -3.80 -35.74
C ILE E 102 14.29 -4.40 -37.09
N ASN E 103 13.33 -3.78 -37.78
CA ASN E 103 12.91 -4.19 -39.13
C ASN E 103 12.46 -5.65 -39.17
N GLY E 104 11.97 -6.16 -38.05
CA GLY E 104 11.38 -7.48 -38.00
C GLY E 104 12.31 -8.60 -37.61
N LYS E 105 13.63 -8.37 -37.64
CA LYS E 105 14.59 -9.43 -37.35
C LYS E 105 15.21 -9.24 -35.98
N PRO E 106 15.05 -10.19 -35.06
CA PRO E 106 15.76 -10.10 -33.79
C PRO E 106 17.23 -10.45 -33.95
N LEU E 107 18.04 -10.01 -32.99
CA LEU E 107 19.46 -10.29 -32.99
C LEU E 107 19.72 -11.71 -32.51
N ASP E 108 20.68 -12.39 -33.14
CA ASP E 108 21.07 -13.72 -32.73
C ASP E 108 22.25 -13.63 -31.76
N LYS E 109 22.71 -14.80 -31.28
CA LYS E 109 23.73 -14.82 -30.24
C LYS E 109 25.06 -14.27 -30.74
N GLU E 110 25.44 -14.62 -31.98
CA GLU E 110 26.74 -14.17 -32.49
C GLU E 110 26.76 -12.66 -32.68
N THR E 111 25.69 -12.09 -33.23
CA THR E 111 25.65 -10.64 -33.43
C THR E 111 25.64 -9.91 -32.09
N LYS E 112 24.93 -10.45 -31.09
CA LYS E 112 24.92 -9.82 -29.77
C LYS E 112 26.30 -9.83 -29.15
N GLU E 113 27.06 -10.91 -29.34
CA GLU E 113 28.41 -10.97 -28.81
C GLU E 113 29.32 -9.95 -29.50
N ARG E 114 29.10 -9.73 -30.80
CA ARG E 114 29.90 -8.74 -31.51
C ARG E 114 29.54 -7.32 -31.07
N ILE E 115 28.24 -7.03 -30.89
CA ILE E 115 27.83 -5.74 -30.39
C ILE E 115 28.42 -5.49 -29.00
N LYS E 116 28.45 -6.53 -28.17
CA LYS E 116 29.06 -6.41 -26.85
C LYS E 116 30.55 -6.07 -26.96
N GLU E 117 31.25 -6.66 -27.93
CA GLU E 117 32.68 -6.40 -28.08
C GLU E 117 32.92 -5.02 -28.65
N SER E 118 32.11 -4.59 -29.61
CA SER E 118 32.31 -3.27 -30.22
C SER E 118 32.08 -2.15 -29.22
N ILE E 119 31.07 -2.29 -28.36
CA ILE E 119 30.79 -1.26 -27.38
C ILE E 119 31.88 -1.21 -26.33
N GLU E 120 32.28 -2.38 -25.82
CA GLU E 120 33.32 -2.44 -24.79
C GLU E 120 34.64 -1.87 -25.29
N GLU E 121 34.96 -2.11 -26.56
CA GLU E 121 36.23 -1.62 -27.09
C GLU E 121 36.19 -0.11 -27.28
N LEU E 122 35.07 0.43 -27.76
CA LEU E 122 34.94 1.88 -27.90
C LEU E 122 35.02 2.58 -26.54
N LEU E 123 34.42 1.98 -25.52
CA LEU E 123 34.50 2.55 -24.18
C LEU E 123 35.93 2.46 -23.64
N LYS E 124 36.58 1.30 -23.83
CA LYS E 124 37.95 1.13 -23.34
C LYS E 124 38.90 2.09 -24.03
N GLU E 125 38.67 2.40 -25.31
CA GLU E 125 39.50 3.37 -26.01
C GLU E 125 39.34 4.77 -25.45
N LYS E 126 38.24 5.05 -24.76
CA LYS E 126 37.99 6.35 -24.17
C LYS E 126 38.18 6.38 -22.66
N GLY E 127 38.77 5.32 -22.10
CA GLY E 127 39.04 5.27 -20.67
C GLY E 127 37.91 4.76 -19.80
N TYR E 128 36.84 4.24 -20.39
CA TYR E 128 35.68 3.75 -19.65
C TYR E 128 35.73 2.22 -19.60
N ASP E 129 35.84 1.68 -18.39
CA ASP E 129 35.96 0.24 -18.17
C ASP E 129 34.57 -0.30 -17.81
N VAL E 130 33.79 -0.64 -18.83
CA VAL E 130 32.42 -1.11 -18.65
C VAL E 130 32.28 -2.49 -19.27
N LYS E 131 31.67 -3.41 -18.52
CA LYS E 131 31.37 -4.75 -19.02
C LYS E 131 29.90 -4.78 -19.41
N VAL E 132 29.62 -5.06 -20.68
CA VAL E 132 28.27 -4.98 -21.24
C VAL E 132 27.71 -6.39 -21.39
N GLU E 133 26.54 -6.61 -20.81
CA GLU E 133 25.78 -7.85 -20.99
C GLU E 133 24.56 -7.56 -21.85
N LEU E 134 24.37 -8.37 -22.89
CA LEU E 134 23.31 -8.15 -23.87
C LEU E 134 22.23 -9.20 -23.75
N GLU E 135 21.01 -8.81 -24.14
CA GLU E 135 19.89 -9.73 -24.24
C GLU E 135 19.06 -9.40 -25.49
N MET F 1 -5.29 -5.05 -14.13
CA MET F 1 -5.45 -4.18 -15.28
C MET F 1 -5.66 -5.00 -16.55
N SER F 2 -6.61 -5.92 -16.50
CA SER F 2 -6.93 -6.73 -17.67
C SER F 2 -7.61 -5.86 -18.73
N VAL F 3 -7.10 -5.93 -19.95
CA VAL F 3 -7.60 -5.12 -21.07
C VAL F 3 -8.14 -6.06 -22.13
N GLU F 4 -9.43 -5.93 -22.43
CA GLU F 4 -10.11 -6.79 -23.39
C GLU F 4 -10.78 -5.92 -24.44
N VAL F 5 -10.46 -6.15 -25.71
CA VAL F 5 -10.85 -5.28 -26.79
C VAL F 5 -11.64 -6.07 -27.83
N LYS F 6 -12.74 -5.48 -28.29
CA LYS F 6 -13.50 -5.99 -29.42
C LYS F 6 -13.38 -5.02 -30.58
N VAL F 7 -13.05 -5.53 -31.76
CA VAL F 7 -12.86 -4.70 -32.94
C VAL F 7 -13.75 -5.24 -34.05
N THR F 8 -14.54 -4.35 -34.66
CA THR F 8 -15.34 -4.67 -35.83
C THR F 8 -15.07 -3.65 -36.93
N GLN F 9 -14.91 -4.16 -38.15
CA GLN F 9 -14.63 -3.32 -39.31
C GLN F 9 -15.95 -2.84 -39.90
N ILE F 10 -16.23 -1.54 -39.75
CA ILE F 10 -17.44 -0.97 -40.33
C ILE F 10 -17.32 -0.92 -41.84
N ASP F 11 -16.21 -0.39 -42.34
CA ASP F 11 -15.87 -0.43 -43.76
C ASP F 11 -14.35 -0.43 -43.86
N ASP F 12 -13.85 -0.40 -45.10
CA ASP F 12 -12.40 -0.46 -45.26
C ASP F 12 -11.67 0.83 -44.82
N GLU F 13 -12.36 1.82 -44.24
CA GLU F 13 -11.71 3.00 -43.69
C GLU F 13 -12.17 3.30 -42.27
N THR F 14 -12.85 2.36 -41.60
CA THR F 14 -13.48 2.63 -40.32
C THR F 14 -13.45 1.38 -39.47
N TRP F 15 -12.83 1.47 -38.30
CA TRP F 15 -12.75 0.36 -37.35
C TRP F 15 -13.26 0.83 -36.00
N LYS F 16 -14.27 0.13 -35.48
CA LYS F 16 -14.85 0.43 -34.18
C LYS F 16 -14.22 -0.48 -33.13
N PHE F 17 -13.90 0.11 -31.97
CA PHE F 17 -13.30 -0.60 -30.86
C PHE F 17 -14.16 -0.44 -29.61
N LYS F 18 -14.30 -1.53 -28.87
CA LYS F 18 -14.96 -1.54 -27.56
C LYS F 18 -14.03 -2.21 -26.57
N THR F 19 -13.51 -1.44 -25.61
CA THR F 19 -12.53 -1.93 -24.66
C THR F 19 -13.14 -1.98 -23.26
N THR F 20 -12.89 -3.08 -22.56
CA THR F 20 -13.29 -3.26 -21.17
C THR F 20 -12.02 -3.42 -20.33
N ILE F 21 -11.92 -2.65 -19.25
CA ILE F 21 -10.75 -2.67 -18.39
C ILE F 21 -11.19 -3.01 -16.97
N THR F 22 -10.66 -4.10 -16.44
CA THR F 22 -10.99 -4.57 -15.10
C THR F 22 -9.77 -4.46 -14.21
N LYS F 23 -9.91 -3.74 -13.11
CA LYS F 23 -8.83 -3.59 -12.13
C LYS F 23 -9.01 -4.60 -11.00
N GLU F 24 -7.92 -4.81 -10.25
CA GLU F 24 -7.94 -5.81 -9.20
C GLU F 24 -8.93 -5.48 -8.09
N ASN F 25 -9.11 -4.20 -7.80
CA ASN F 25 -10.02 -3.78 -6.74
C ASN F 25 -11.49 -3.82 -7.15
N GLY F 26 -11.78 -4.16 -8.41
CA GLY F 26 -13.15 -4.39 -8.84
C GLY F 26 -13.75 -3.33 -9.73
N GLU F 27 -13.15 -2.15 -9.83
CA GLU F 27 -13.72 -1.13 -10.70
C GLU F 27 -13.46 -1.46 -12.16
N LYS F 28 -14.42 -1.08 -13.00
CA LYS F 28 -14.44 -1.45 -14.41
C LYS F 28 -14.68 -0.20 -15.25
N GLU F 29 -14.03 -0.14 -16.42
CA GLU F 29 -14.20 0.96 -17.35
C GLU F 29 -14.62 0.41 -18.71
N GLU F 30 -15.72 0.94 -19.23
CA GLU F 30 -16.21 0.59 -20.56
C GLU F 30 -15.99 1.78 -21.49
N LYS F 31 -15.36 1.52 -22.63
CA LYS F 31 -14.98 2.60 -23.53
C LYS F 31 -15.16 2.18 -24.97
N GLU F 32 -15.45 3.16 -25.82
CA GLU F 32 -15.64 2.95 -27.25
C GLU F 32 -14.93 4.07 -28.01
N SER F 33 -14.36 3.73 -29.15
CA SER F 33 -13.70 4.70 -30.00
C SER F 33 -13.65 4.16 -31.42
N THR F 34 -13.53 5.07 -32.38
CA THR F 34 -13.51 4.74 -33.80
C THR F 34 -12.19 5.23 -34.39
N ILE F 35 -11.44 4.32 -35.00
CA ILE F 35 -10.17 4.63 -35.65
C ILE F 35 -10.41 4.64 -37.16
N THR F 36 -10.07 5.75 -37.81
CA THR F 36 -10.17 5.84 -39.25
C THR F 36 -8.85 5.47 -39.90
N LYS F 37 -8.91 5.17 -41.20
CA LYS F 37 -7.71 4.84 -41.94
C LYS F 37 -6.79 6.04 -42.05
N GLU F 38 -7.36 7.24 -42.18
CA GLU F 38 -6.54 8.45 -42.19
C GLU F 38 -5.80 8.63 -40.87
N GLU F 39 -6.45 8.32 -39.74
CA GLU F 39 -5.79 8.41 -38.45
C GLU F 39 -4.69 7.37 -38.31
N VAL F 40 -4.88 6.18 -38.89
CA VAL F 40 -3.81 5.19 -38.91
C VAL F 40 -2.64 5.69 -39.73
N LYS F 41 -2.92 6.30 -40.88
CA LYS F 41 -1.84 6.81 -41.73
C LYS F 41 -1.07 7.92 -41.02
N GLU F 42 -1.78 8.83 -40.35
CA GLU F 42 -1.13 9.96 -39.71
C GLU F 42 -0.38 9.58 -38.43
N SER F 43 -0.59 8.37 -37.92
CA SER F 43 0.16 7.94 -36.73
C SER F 43 1.59 7.54 -37.04
N TYR F 44 1.98 7.50 -38.32
CA TYR F 44 3.33 7.18 -38.72
C TYR F 44 4.11 8.45 -38.99
N GLU F 45 5.43 8.38 -38.76
CA GLU F 45 6.27 9.56 -38.95
C GLU F 45 6.21 10.07 -40.39
N SER F 46 6.13 9.15 -41.35
CA SER F 46 6.04 9.52 -42.75
C SER F 46 5.10 8.56 -43.45
N GLU F 47 4.52 9.02 -44.56
CA GLU F 47 3.69 8.14 -45.37
C GLU F 47 4.51 7.03 -46.00
N GLU F 48 5.80 7.29 -46.24
CA GLU F 48 6.68 6.25 -46.75
C GLU F 48 6.83 5.11 -45.76
N GLU F 49 6.93 5.43 -44.46
CA GLU F 49 7.02 4.39 -43.44
C GLU F 49 5.70 3.65 -43.30
N TYR F 50 4.59 4.34 -43.50
CA TYR F 50 3.27 3.71 -43.41
C TYR F 50 3.10 2.66 -44.50
N GLU F 51 3.44 3.02 -45.75
CA GLU F 51 3.27 2.06 -46.84
C GLU F 51 4.32 0.96 -46.79
N SER F 52 5.53 1.27 -46.30
CA SER F 52 6.55 0.24 -46.14
C SER F 52 6.11 -0.80 -45.13
N THR F 53 5.54 -0.36 -43.99
CA THR F 53 5.03 -1.30 -43.00
C THR F 53 3.87 -2.12 -43.55
N LYS F 54 3.01 -1.47 -44.35
CA LYS F 54 1.85 -2.17 -44.92
C LYS F 54 2.29 -3.32 -45.82
N GLU F 55 3.34 -3.11 -46.62
CA GLU F 55 3.82 -4.19 -47.48
C GLU F 55 4.41 -5.32 -46.65
N ARG F 56 5.10 -5.00 -45.55
CA ARG F 56 5.66 -6.02 -44.68
C ARG F 56 4.57 -6.97 -44.18
N ILE F 57 3.41 -6.41 -43.81
CA ILE F 57 2.32 -7.24 -43.31
C ILE F 57 1.68 -8.02 -44.46
N ARG F 58 1.62 -7.43 -45.65
CA ARG F 58 1.09 -8.14 -46.80
C ARG F 58 1.93 -9.37 -47.14
N LYS F 59 3.25 -9.26 -46.97
CA LYS F 59 4.15 -10.37 -47.24
C LYS F 59 4.02 -11.50 -46.22
N LYS F 60 3.36 -11.25 -45.08
CA LYS F 60 3.09 -12.32 -44.13
C LYS F 60 1.94 -13.21 -44.57
N PHE F 61 1.14 -12.76 -45.54
CA PHE F 61 -0.01 -13.49 -46.04
C PHE F 61 0.11 -13.74 -47.54
N GLU F 62 1.30 -14.12 -48.00
CA GLU F 62 1.55 -14.27 -49.42
C GLU F 62 0.73 -15.40 -50.03
N ASP F 63 0.24 -16.33 -49.22
CA ASP F 63 -0.57 -17.43 -49.70
C ASP F 63 -2.05 -17.08 -49.83
N LEU F 64 -2.43 -15.84 -49.56
CA LEU F 64 -3.82 -15.41 -49.59
C LEU F 64 -4.07 -14.48 -50.77
N SER F 65 -5.35 -14.29 -51.07
CA SER F 65 -5.75 -13.50 -52.23
C SER F 65 -5.44 -12.02 -52.02
N GLU F 66 -5.56 -11.25 -53.10
CA GLU F 66 -5.31 -9.81 -53.03
C GLU F 66 -6.33 -9.12 -52.15
N LYS F 67 -7.58 -9.57 -52.16
CA LYS F 67 -8.60 -8.99 -51.29
C LYS F 67 -8.31 -9.30 -49.84
N GLU F 68 -7.87 -10.53 -49.55
CA GLU F 68 -7.54 -10.89 -48.17
C GLU F 68 -6.30 -10.16 -47.67
N LYS F 69 -5.29 -10.01 -48.53
CA LYS F 69 -4.12 -9.22 -48.15
C LYS F 69 -4.49 -7.79 -47.82
N TYR F 70 -5.38 -7.20 -48.62
CA TYR F 70 -5.84 -5.83 -48.38
C TYR F 70 -6.56 -5.72 -47.04
N THR F 71 -7.45 -6.68 -46.75
CA THR F 71 -8.22 -6.63 -45.53
C THR F 71 -7.34 -6.86 -44.30
N LEU F 72 -6.45 -7.87 -44.37
CA LEU F 72 -5.68 -8.24 -43.19
C LEU F 72 -4.59 -7.23 -42.88
N SER F 73 -3.93 -6.68 -43.90
CA SER F 73 -2.85 -5.73 -43.66
C SER F 73 -3.37 -4.45 -43.00
N ASN F 74 -4.48 -3.91 -43.51
CA ASN F 74 -5.05 -2.71 -42.91
C ASN F 74 -5.69 -3.00 -41.56
N LEU F 75 -6.20 -4.22 -41.37
CA LEU F 75 -6.75 -4.59 -40.07
C LEU F 75 -5.67 -4.67 -39.00
N VAL F 76 -4.52 -5.26 -39.34
CA VAL F 76 -3.40 -5.33 -38.40
C VAL F 76 -2.94 -3.94 -38.03
N LEU F 77 -2.89 -3.02 -39.01
CA LEU F 77 -2.41 -1.67 -38.73
C LEU F 77 -3.37 -0.92 -37.82
N ALA F 78 -4.67 -1.09 -38.03
CA ALA F 78 -5.66 -0.39 -37.19
C ALA F 78 -5.65 -0.92 -35.77
N ILE F 79 -5.54 -2.24 -35.60
CA ILE F 79 -5.49 -2.81 -34.26
C ILE F 79 -4.19 -2.41 -33.55
N THR F 80 -3.09 -2.32 -34.31
CA THR F 80 -1.81 -1.95 -33.70
C THR F 80 -1.85 -0.53 -33.14
N LYS F 81 -2.45 0.40 -33.88
CA LYS F 81 -2.53 1.77 -33.37
C LYS F 81 -3.38 1.84 -32.11
N LYS F 82 -4.49 1.09 -32.08
CA LYS F 82 -5.33 1.09 -30.89
C LYS F 82 -4.59 0.51 -29.70
N LEU F 83 -3.86 -0.59 -29.90
CA LEU F 83 -3.12 -1.19 -28.79
C LEU F 83 -1.98 -0.30 -28.33
N LYS F 84 -1.39 0.49 -29.23
CA LYS F 84 -0.39 1.47 -28.80
C LYS F 84 -1.03 2.50 -27.87
N GLU F 85 -2.21 3.00 -28.22
CA GLU F 85 -2.90 3.95 -27.37
C GLU F 85 -3.28 3.33 -26.03
N LEU F 86 -3.74 2.07 -26.05
CA LEU F 86 -4.13 1.41 -24.81
C LEU F 86 -2.93 1.14 -23.92
N TYR F 87 -1.76 0.85 -24.50
CA TYR F 87 -0.57 0.67 -23.67
C TYR F 87 -0.12 1.99 -23.08
N GLU F 88 -0.23 3.08 -23.84
CA GLU F 88 0.13 4.39 -23.31
C GLU F 88 -0.81 4.84 -22.21
N GLU F 89 -2.03 4.30 -22.16
CA GLU F 89 -3.00 4.70 -21.15
C GLU F 89 -2.97 3.81 -19.90
N TYR F 90 -2.67 2.51 -20.06
CA TYR F 90 -2.77 1.58 -18.95
C TYR F 90 -1.54 0.72 -18.73
N GLY F 91 -0.60 0.66 -19.68
CA GLY F 91 0.65 -0.04 -19.46
C GLY F 91 0.54 -1.53 -19.28
N ALA F 92 -0.52 -2.16 -19.78
CA ALA F 92 -0.71 -3.59 -19.60
C ALA F 92 0.24 -4.37 -20.51
N LYS F 93 0.89 -5.38 -19.95
CA LYS F 93 1.78 -6.23 -20.72
C LYS F 93 1.02 -7.31 -21.50
N GLU F 94 -0.27 -7.47 -21.25
CA GLU F 94 -1.07 -8.50 -21.91
C GLU F 94 -2.43 -7.93 -22.26
N VAL F 95 -2.89 -8.18 -23.49
CA VAL F 95 -4.17 -7.68 -23.98
C VAL F 95 -4.87 -8.78 -24.75
N LYS F 96 -6.17 -8.92 -24.53
CA LYS F 96 -7.00 -9.84 -25.30
C LYS F 96 -7.74 -9.06 -26.38
N VAL F 97 -7.65 -9.53 -27.62
CA VAL F 97 -8.28 -8.88 -28.76
C VAL F 97 -9.22 -9.87 -29.44
N THR F 98 -10.47 -9.47 -29.62
CA THR F 98 -11.49 -10.29 -30.27
C THR F 98 -11.94 -9.59 -31.54
N ILE F 99 -11.62 -10.17 -32.69
CA ILE F 99 -11.98 -9.61 -33.99
C ILE F 99 -13.32 -10.18 -34.40
N GLU F 100 -14.30 -9.30 -34.62
CA GLU F 100 -15.61 -9.75 -35.06
C GLU F 100 -15.54 -10.21 -36.53
N PRO F 101 -16.39 -11.15 -36.93
CA PRO F 101 -16.39 -11.60 -38.32
C PRO F 101 -16.68 -10.46 -39.28
N ILE F 102 -15.80 -10.30 -40.27
CA ILE F 102 -15.92 -9.23 -41.26
C ILE F 102 -16.98 -9.65 -42.27
N ASN F 103 -18.17 -9.06 -42.16
CA ASN F 103 -19.30 -9.33 -43.05
C ASN F 103 -19.73 -10.80 -42.99
N GLY F 104 -19.51 -11.45 -41.85
CA GLY F 104 -20.05 -12.78 -41.58
C GLY F 104 -19.02 -13.88 -41.52
N LYS F 105 -17.92 -13.77 -42.28
CA LYS F 105 -17.00 -14.91 -42.33
C LYS F 105 -15.95 -14.80 -41.23
N PRO F 106 -15.71 -15.85 -40.47
CA PRO F 106 -14.70 -15.81 -39.42
C PRO F 106 -13.32 -16.19 -39.93
N LEU F 107 -12.31 -15.81 -39.15
CA LEU F 107 -10.92 -16.13 -39.45
C LEU F 107 -10.57 -17.52 -38.92
N ASP F 108 -9.73 -18.24 -39.67
CA ASP F 108 -9.30 -19.55 -39.23
C ASP F 108 -8.11 -19.44 -38.28
N LYS F 109 -7.59 -20.60 -37.87
CA LYS F 109 -6.57 -20.62 -36.82
C LYS F 109 -5.24 -20.04 -37.31
N GLU F 110 -4.84 -20.38 -38.54
CA GLU F 110 -3.55 -19.93 -39.03
C GLU F 110 -3.53 -18.42 -39.26
N THR F 111 -4.63 -17.86 -39.77
CA THR F 111 -4.70 -16.42 -39.98
C THR F 111 -4.61 -15.67 -38.65
N LYS F 112 -5.33 -16.16 -37.63
CA LYS F 112 -5.29 -15.52 -36.32
C LYS F 112 -3.87 -15.49 -35.75
N GLU F 113 -3.14 -16.60 -35.90
CA GLU F 113 -1.78 -16.64 -35.35
C GLU F 113 -0.86 -15.66 -36.09
N ARG F 114 -1.05 -15.51 -37.40
CA ARG F 114 -0.23 -14.55 -38.13
C ARG F 114 -0.57 -13.11 -37.77
N ILE F 115 -1.86 -12.82 -37.56
CA ILE F 115 -2.25 -11.48 -37.12
C ILE F 115 -1.68 -11.20 -35.75
N LYS F 116 -1.70 -12.19 -34.85
CA LYS F 116 -1.11 -12.03 -33.53
C LYS F 116 0.38 -11.74 -33.61
N GLU F 117 1.09 -12.49 -34.44
CA GLU F 117 2.53 -12.28 -34.56
C GLU F 117 2.86 -10.94 -35.19
N SER F 118 2.07 -10.53 -36.19
CA SER F 118 2.31 -9.24 -36.84
C SER F 118 2.11 -8.10 -35.87
N ILE F 119 1.04 -8.16 -35.07
CA ILE F 119 0.74 -7.09 -34.12
C ILE F 119 1.82 -7.03 -33.04
N GLU F 120 2.21 -8.19 -32.51
CA GLU F 120 3.21 -8.22 -31.45
C GLU F 120 4.55 -7.70 -31.93
N GLU F 121 4.91 -7.98 -33.20
CA GLU F 121 6.18 -7.52 -33.72
C GLU F 121 6.20 -6.00 -33.90
N LEU F 122 5.13 -5.44 -34.47
CA LEU F 122 5.08 -4.01 -34.69
C LEU F 122 5.05 -3.23 -33.39
N LEU F 123 4.31 -3.74 -32.39
CA LEU F 123 4.31 -3.11 -31.08
C LEU F 123 5.71 -3.16 -30.46
N LYS F 124 6.35 -4.33 -30.51
CA LYS F 124 7.66 -4.49 -29.92
C LYS F 124 8.72 -3.62 -30.60
N GLU F 125 8.54 -3.35 -31.91
CA GLU F 125 9.48 -2.49 -32.62
C GLU F 125 9.44 -1.06 -32.13
N LYS F 126 8.34 -0.63 -31.51
CA LYS F 126 8.21 0.72 -30.98
C LYS F 126 8.37 0.76 -29.46
N GLY F 127 8.83 -0.33 -28.85
CA GLY F 127 9.06 -0.37 -27.42
C GLY F 127 7.88 -0.85 -26.60
N TYR F 128 6.87 -1.45 -27.22
CA TYR F 128 5.66 -1.90 -26.53
C TYR F 128 5.70 -3.42 -26.42
N ASP F 129 6.16 -3.92 -25.28
CA ASP F 129 6.25 -5.37 -25.04
C ASP F 129 4.89 -5.86 -24.57
N VAL F 130 4.04 -6.24 -25.52
CA VAL F 130 2.67 -6.63 -25.25
C VAL F 130 2.41 -8.00 -25.84
N LYS F 131 1.89 -8.91 -25.02
CA LYS F 131 1.45 -10.22 -25.48
C LYS F 131 -0.04 -10.12 -25.85
N VAL F 132 -0.36 -10.54 -27.08
CA VAL F 132 -1.71 -10.39 -27.62
C VAL F 132 -2.35 -11.77 -27.70
N GLU F 133 -3.48 -11.94 -27.01
CA GLU F 133 -4.32 -13.11 -27.15
C GLU F 133 -5.40 -12.80 -28.17
N LEU F 134 -5.40 -13.51 -29.29
CA LEU F 134 -6.31 -13.24 -30.40
C LEU F 134 -7.42 -14.28 -30.44
N GLU F 135 -8.66 -13.81 -30.54
CA GLU F 135 -9.83 -14.68 -30.62
C GLU F 135 -10.76 -14.18 -31.72
N GLY F 136 -11.66 -15.05 -32.14
CA GLY F 136 -12.67 -14.72 -33.14
C GLY F 136 -13.99 -14.45 -32.50
N GLY F 137 -14.70 -13.44 -33.02
CA GLY F 137 -15.98 -13.06 -32.45
C GLY F 137 -17.06 -14.08 -32.76
N SER F 138 -17.94 -14.29 -31.77
CA SER F 138 -19.04 -15.25 -31.91
C SER F 138 -20.39 -14.56 -31.74
N SER G 2 5.20 -10.97 -5.82
CA SER G 2 5.98 -11.34 -4.64
C SER G 2 5.42 -10.68 -3.38
N VAL G 3 5.61 -11.35 -2.24
CA VAL G 3 5.16 -10.86 -0.95
C VAL G 3 6.37 -10.75 -0.03
N GLU G 4 6.55 -9.59 0.58
CA GLU G 4 7.68 -9.32 1.46
C GLU G 4 7.15 -8.85 2.82
N VAL G 5 7.58 -9.52 3.89
CA VAL G 5 7.15 -9.19 5.24
C VAL G 5 8.38 -8.81 6.05
N LYS G 6 8.25 -7.75 6.84
CA LYS G 6 9.30 -7.30 7.75
C LYS G 6 8.74 -7.36 9.17
N VAL G 7 9.40 -8.13 10.04
CA VAL G 7 8.93 -8.37 11.39
C VAL G 7 9.78 -7.57 12.36
N THR G 8 9.13 -6.76 13.19
CA THR G 8 9.79 -5.93 14.19
C THR G 8 9.18 -6.24 15.55
N GLN G 9 10.04 -6.25 16.58
CA GLN G 9 9.62 -6.62 17.93
C GLN G 9 9.05 -5.42 18.66
N ILE G 10 7.91 -5.62 19.31
CA ILE G 10 7.38 -4.68 20.30
C ILE G 10 7.78 -5.10 21.72
N ASP G 11 7.52 -6.37 22.05
CA ASP G 11 8.08 -7.02 23.22
C ASP G 11 8.13 -8.51 22.93
N ASP G 12 8.39 -9.31 23.97
CA ASP G 12 8.50 -10.76 23.77
C ASP G 12 7.17 -11.42 23.47
N GLU G 13 6.05 -10.69 23.57
CA GLU G 13 4.73 -11.22 23.28
C GLU G 13 4.01 -10.48 22.15
N THR G 14 4.63 -9.47 21.57
CA THR G 14 3.96 -8.62 20.58
C THR G 14 4.90 -8.35 19.42
N TRP G 15 4.37 -8.37 18.21
CA TRP G 15 5.18 -8.24 17.00
C TRP G 15 4.48 -7.34 15.99
N LYS G 16 5.22 -6.41 15.43
CA LYS G 16 4.74 -5.53 14.37
C LYS G 16 5.16 -6.10 13.02
N PHE G 17 4.25 -6.05 12.05
CA PHE G 17 4.48 -6.58 10.72
C PHE G 17 4.30 -5.49 9.68
N LYS G 18 5.19 -5.47 8.69
CA LYS G 18 5.11 -4.54 7.56
C LYS G 18 5.19 -5.37 6.28
N THR G 19 4.07 -5.44 5.56
CA THR G 19 3.97 -6.28 4.37
C THR G 19 4.00 -5.41 3.11
N THR G 20 4.79 -5.83 2.13
CA THR G 20 4.92 -5.14 0.85
C THR G 20 4.51 -6.11 -0.25
N ILE G 21 3.51 -5.72 -1.05
CA ILE G 21 2.98 -6.54 -2.13
C ILE G 21 3.37 -5.90 -3.45
N THR G 22 3.84 -6.71 -4.39
CA THR G 22 4.19 -6.20 -5.71
C THR G 22 3.17 -6.62 -6.76
N LYS G 28 2.61 -0.75 -5.74
CA LYS G 28 2.87 -1.69 -4.64
C LYS G 28 2.06 -1.31 -3.40
N GLU G 29 1.55 -2.32 -2.70
CA GLU G 29 0.77 -2.11 -1.50
C GLU G 29 1.66 -2.19 -0.27
N GLU G 30 1.44 -1.27 0.68
CA GLU G 30 2.15 -1.25 1.95
C GLU G 30 1.15 -1.42 3.08
N LYS G 31 1.45 -2.32 4.01
CA LYS G 31 0.54 -2.67 5.08
C LYS G 31 1.29 -2.75 6.39
N GLU G 32 0.60 -2.45 7.49
CA GLU G 32 1.14 -2.59 8.82
C GLU G 32 0.08 -3.20 9.73
N SER G 33 0.51 -4.12 10.59
CA SER G 33 -0.38 -4.79 11.52
C SER G 33 0.40 -5.20 12.76
N THR G 34 -0.34 -5.50 13.82
CA THR G 34 0.24 -5.90 15.09
C THR G 34 -0.39 -7.21 15.53
N ILE G 35 0.44 -8.16 15.96
CA ILE G 35 -0.01 -9.48 16.39
C ILE G 35 0.53 -9.73 17.79
N THR G 36 -0.38 -9.98 18.73
CA THR G 36 -0.01 -10.30 20.11
C THR G 36 -0.13 -11.81 20.35
N LYS G 37 0.45 -12.25 21.46
CA LYS G 37 0.43 -13.68 21.77
C LYS G 37 -0.98 -14.16 22.05
N GLU G 38 -1.81 -13.32 22.67
CA GLU G 38 -3.20 -13.68 22.92
C GLU G 38 -3.97 -13.83 21.62
N GLU G 39 -3.70 -12.97 20.64
CA GLU G 39 -4.39 -13.07 19.35
C GLU G 39 -4.02 -14.36 18.63
N VAL G 40 -2.78 -14.83 18.79
CA VAL G 40 -2.39 -16.10 18.19
C VAL G 40 -3.07 -17.25 18.91
N LYS G 41 -3.15 -17.20 20.25
CA LYS G 41 -3.84 -18.24 20.99
C LYS G 41 -5.29 -18.36 20.56
N GLU G 42 -5.96 -17.22 20.33
CA GLU G 42 -7.36 -17.23 19.93
C GLU G 42 -7.54 -17.69 18.49
N SER G 43 -6.49 -17.62 17.67
CA SER G 43 -6.61 -18.03 16.27
C SER G 43 -6.55 -19.55 16.09
N TYR G 44 -6.29 -20.30 17.15
CA TYR G 44 -6.25 -21.75 17.06
C TYR G 44 -7.63 -22.34 17.33
N GLU G 45 -7.88 -23.51 16.76
CA GLU G 45 -9.18 -24.16 16.90
C GLU G 45 -9.50 -24.49 18.34
N SER G 46 -8.49 -24.64 19.20
CA SER G 46 -8.70 -24.89 20.62
C SER G 46 -7.45 -24.52 21.38
N GLU G 47 -7.62 -24.20 22.66
CA GLU G 47 -6.46 -23.94 23.52
C GLU G 47 -5.56 -25.17 23.61
N GLU G 48 -6.15 -26.37 23.58
CA GLU G 48 -5.36 -27.58 23.64
C GLU G 48 -4.42 -27.70 22.45
N GLU G 49 -4.92 -27.38 21.24
CA GLU G 49 -4.08 -27.45 20.06
C GLU G 49 -2.99 -26.38 20.09
N TYR G 50 -3.29 -25.21 20.67
CA TYR G 50 -2.28 -24.15 20.76
C TYR G 50 -1.12 -24.59 21.64
N GLU G 51 -1.42 -25.16 22.81
CA GLU G 51 -0.36 -25.59 23.71
C GLU G 51 0.32 -26.86 23.19
N SER G 52 -0.39 -27.68 22.42
CA SER G 52 0.23 -28.83 21.79
C SER G 52 1.24 -28.40 20.74
N THR G 53 0.90 -27.41 19.92
CA THR G 53 1.82 -26.91 18.91
C THR G 53 2.98 -26.15 19.54
N LYS G 54 2.72 -25.43 20.64
CA LYS G 54 3.77 -24.66 21.29
C LYS G 54 4.85 -25.57 21.86
N GLU G 55 4.47 -26.73 22.41
CA GLU G 55 5.47 -27.68 22.85
C GLU G 55 6.30 -28.19 21.68
N ARG G 56 5.68 -28.38 20.52
CA ARG G 56 6.41 -28.83 19.34
C ARG G 56 7.46 -27.80 18.93
N ILE G 57 7.09 -26.53 18.86
CA ILE G 57 8.01 -25.48 18.41
C ILE G 57 9.12 -25.28 19.44
N ARG G 58 8.78 -25.38 20.73
CA ARG G 58 9.81 -25.27 21.76
C ARG G 58 10.85 -26.37 21.65
N LYS G 59 10.46 -27.53 21.13
CA LYS G 59 11.42 -28.62 20.93
C LYS G 59 12.45 -28.28 19.85
N LYS G 60 12.07 -27.46 18.87
CA LYS G 60 13.03 -27.03 17.86
C LYS G 60 14.16 -26.21 18.45
N PHE G 61 13.98 -25.67 19.66
CA PHE G 61 15.00 -24.85 20.30
C PHE G 61 15.37 -25.39 21.68
N GLU G 62 15.30 -26.72 21.84
CA GLU G 62 15.50 -27.32 23.16
C GLU G 62 16.87 -27.03 23.74
N ASP G 63 17.88 -26.87 22.88
CA ASP G 63 19.24 -26.64 23.35
C ASP G 63 19.53 -25.17 23.66
N LEU G 64 18.54 -24.29 23.54
CA LEU G 64 18.71 -22.87 23.85
C LEU G 64 18.21 -22.59 25.26
N SER G 65 18.40 -21.35 25.70
CA SER G 65 17.96 -20.96 27.03
C SER G 65 16.43 -20.92 27.09
N GLU G 66 15.92 -20.79 28.33
CA GLU G 66 14.47 -20.81 28.52
C GLU G 66 13.81 -19.56 27.95
N LYS G 67 14.45 -18.39 28.13
CA LYS G 67 13.87 -17.17 27.59
C LYS G 67 13.97 -17.14 26.07
N GLU G 68 14.93 -17.85 25.49
CA GLU G 68 15.00 -17.95 24.04
C GLU G 68 13.94 -18.90 23.49
N LYS G 69 13.75 -20.05 24.14
CA LYS G 69 12.69 -20.97 23.73
C LYS G 69 11.33 -20.28 23.78
N TYR G 70 11.13 -19.41 24.76
CA TYR G 70 9.86 -18.71 24.91
C TYR G 70 9.65 -17.70 23.79
N THR G 71 10.64 -16.82 23.57
CA THR G 71 10.48 -15.75 22.59
C THR G 71 10.43 -16.32 21.17
N LEU G 72 11.31 -17.27 20.86
CA LEU G 72 11.38 -17.78 19.49
C LEU G 72 10.15 -18.60 19.12
N SER G 73 9.61 -19.36 20.07
CA SER G 73 8.38 -20.10 19.80
C SER G 73 7.21 -19.16 19.58
N ASN G 74 7.14 -18.07 20.35
CA ASN G 74 6.13 -17.06 20.11
C ASN G 74 6.31 -16.42 18.74
N LEU G 75 7.56 -16.19 18.35
CA LEU G 75 7.83 -15.56 17.05
C LEU G 75 7.37 -16.46 15.91
N VAL G 76 7.64 -17.76 16.01
CA VAL G 76 7.25 -18.69 14.95
C VAL G 76 5.73 -18.70 14.80
N LEU G 77 5.01 -18.78 15.92
CA LEU G 77 3.55 -18.82 15.85
C LEU G 77 2.97 -17.51 15.30
N ALA G 78 3.59 -16.38 15.65
CA ALA G 78 3.09 -15.09 15.17
C ALA G 78 3.29 -14.95 13.66
N ILE G 79 4.44 -15.37 13.15
CA ILE G 79 4.70 -15.24 11.73
C ILE G 79 3.85 -16.22 10.93
N THR G 80 3.72 -17.46 11.42
CA THR G 80 2.92 -18.46 10.72
C THR G 80 1.47 -18.00 10.57
N LYS G 81 0.95 -17.32 11.58
CA LYS G 81 -0.41 -16.78 11.49
C LYS G 81 -0.51 -15.72 10.40
N LYS G 82 0.47 -14.80 10.36
CA LYS G 82 0.43 -13.73 9.37
C LYS G 82 0.62 -14.26 7.96
N LEU G 83 1.48 -15.27 7.78
CA LEU G 83 1.70 -15.84 6.46
C LEU G 83 0.45 -16.56 5.96
N LYS G 84 -0.31 -17.19 6.86
CA LYS G 84 -1.55 -17.83 6.44
C LYS G 84 -2.58 -16.79 5.99
N GLU G 85 -2.67 -15.66 6.71
CA GLU G 85 -3.60 -14.61 6.33
C GLU G 85 -3.25 -14.04 4.96
N LEU G 86 -1.96 -13.77 4.72
CA LEU G 86 -1.52 -13.24 3.44
C LEU G 86 -1.67 -14.26 2.32
N TYR G 87 -1.75 -15.56 2.64
CA TYR G 87 -1.96 -16.56 1.61
C TYR G 87 -3.39 -16.55 1.10
N GLU G 88 -4.37 -16.27 1.98
CA GLU G 88 -5.75 -16.25 1.55
C GLU G 88 -6.14 -14.93 0.90
N GLU G 89 -5.51 -13.83 1.31
CA GLU G 89 -5.89 -12.52 0.77
C GLU G 89 -5.19 -12.21 -0.55
N TYR G 90 -4.01 -12.77 -0.77
CA TYR G 90 -3.22 -12.47 -1.95
C TYR G 90 -2.80 -13.71 -2.75
N GLY G 91 -3.14 -14.91 -2.29
CA GLY G 91 -2.69 -16.11 -2.97
C GLY G 91 -1.19 -16.27 -2.99
N ALA G 92 -0.51 -15.83 -1.93
CA ALA G 92 0.95 -15.81 -1.90
C ALA G 92 1.56 -17.19 -2.05
N LYS G 93 2.19 -17.46 -3.19
CA LYS G 93 2.86 -18.72 -3.42
C LYS G 93 4.25 -18.77 -2.80
N GLU G 94 4.85 -17.61 -2.53
CA GLU G 94 6.20 -17.56 -1.98
C GLU G 94 6.41 -16.21 -1.33
N VAL G 95 6.91 -16.21 -0.09
CA VAL G 95 7.04 -15.00 0.71
C VAL G 95 8.46 -14.88 1.24
N LYS G 96 8.92 -13.64 1.37
CA LYS G 96 10.24 -13.33 1.94
C LYS G 96 10.03 -12.62 3.27
N VAL G 97 10.54 -13.21 4.35
CA VAL G 97 10.37 -12.68 5.69
C VAL G 97 11.71 -12.19 6.21
N THR G 98 11.75 -10.94 6.65
CA THR G 98 12.94 -10.33 7.24
C THR G 98 12.67 -10.06 8.71
N ILE G 99 13.41 -10.72 9.59
CA ILE G 99 13.22 -10.61 11.02
C ILE G 99 14.26 -9.65 11.58
N GLU G 100 13.79 -8.55 12.17
CA GLU G 100 14.68 -7.58 12.78
C GLU G 100 15.32 -8.15 14.04
N PRO G 101 16.40 -7.53 14.53
CA PRO G 101 17.04 -8.03 15.75
C PRO G 101 16.06 -8.19 16.91
N ILE G 102 16.25 -9.26 17.68
CA ILE G 102 15.41 -9.57 18.83
C ILE G 102 16.20 -9.25 20.08
N ASN G 103 15.64 -8.36 20.92
CA ASN G 103 16.30 -7.91 22.14
C ASN G 103 17.70 -7.37 21.86
N GLY G 104 17.85 -6.67 20.73
CA GLY G 104 19.13 -6.09 20.37
C GLY G 104 20.10 -7.03 19.67
N LYS G 105 19.78 -8.31 19.56
CA LYS G 105 20.70 -9.27 18.94
C LYS G 105 20.14 -9.75 17.60
N PRO G 106 20.87 -9.56 16.51
CA PRO G 106 20.43 -10.12 15.23
C PRO G 106 20.49 -11.64 15.24
N LEU G 107 19.57 -12.25 14.51
CA LEU G 107 19.52 -13.70 14.43
C LEU G 107 20.69 -14.22 13.59
N ASP G 108 21.32 -15.29 14.06
CA ASP G 108 22.36 -15.96 13.30
C ASP G 108 21.75 -16.97 12.33
N LYS G 109 22.58 -17.51 11.45
CA LYS G 109 22.06 -18.38 10.39
C LYS G 109 21.46 -19.66 10.95
N GLU G 110 21.97 -20.16 12.08
CA GLU G 110 21.39 -21.36 12.67
C GLU G 110 19.97 -21.11 13.15
N THR G 111 19.75 -20.01 13.87
CA THR G 111 18.41 -19.69 14.36
C THR G 111 17.48 -19.34 13.20
N LYS G 112 18.00 -18.67 12.18
CA LYS G 112 17.17 -18.33 11.02
C LYS G 112 16.71 -19.58 10.28
N GLU G 113 17.59 -20.58 10.19
CA GLU G 113 17.21 -21.82 9.51
C GLU G 113 16.19 -22.61 10.32
N ARG G 114 16.28 -22.55 11.66
CA ARG G 114 15.30 -23.24 12.49
C ARG G 114 13.92 -22.60 12.38
N ILE G 115 13.87 -21.28 12.29
CA ILE G 115 12.59 -20.58 12.16
C ILE G 115 11.98 -20.84 10.78
N LYS G 116 12.81 -20.84 9.75
CA LYS G 116 12.33 -21.15 8.40
C LYS G 116 11.75 -22.56 8.33
N GLU G 117 12.43 -23.53 8.96
CA GLU G 117 11.95 -24.91 8.92
C GLU G 117 10.68 -25.07 9.76
N SER G 118 10.58 -24.35 10.88
CA SER G 118 9.39 -24.47 11.72
C SER G 118 8.17 -23.85 11.05
N ILE G 119 8.34 -22.67 10.46
CA ILE G 119 7.21 -21.99 9.83
C ILE G 119 6.72 -22.77 8.62
N GLU G 120 7.64 -23.20 7.75
CA GLU G 120 7.26 -23.97 6.58
C GLU G 120 6.59 -25.27 6.97
N GLU G 121 7.06 -25.90 8.05
CA GLU G 121 6.47 -27.16 8.50
C GLU G 121 5.03 -26.98 8.93
N LEU G 122 4.75 -25.93 9.72
CA LEU G 122 3.38 -25.68 10.16
C LEU G 122 2.48 -25.35 8.98
N LEU G 123 2.99 -24.63 7.99
CA LEU G 123 2.20 -24.34 6.79
C LEU G 123 1.90 -25.62 6.02
N LYS G 124 2.90 -26.50 5.89
CA LYS G 124 2.71 -27.74 5.13
C LYS G 124 1.65 -28.63 5.76
N GLU G 125 1.54 -28.64 7.09
CA GLU G 125 0.61 -29.54 7.75
C GLU G 125 -0.84 -29.15 7.50
N LYS G 126 -1.11 -27.89 7.18
CA LYS G 126 -2.45 -27.45 6.81
C LYS G 126 -2.56 -27.10 5.34
N GLY G 127 -1.58 -27.51 4.53
CA GLY G 127 -1.69 -27.42 3.09
C GLY G 127 -1.37 -26.08 2.47
N TYR G 128 -0.66 -25.21 3.17
CA TYR G 128 -0.23 -23.93 2.63
C TYR G 128 1.15 -24.12 2.00
N ASP G 129 1.18 -24.31 0.68
CA ASP G 129 2.43 -24.49 -0.06
C ASP G 129 3.11 -23.14 -0.21
N VAL G 130 3.82 -22.75 0.84
CA VAL G 130 4.48 -21.44 0.90
C VAL G 130 5.95 -21.67 1.21
N LYS G 131 6.82 -21.27 0.29
CA LYS G 131 8.26 -21.30 0.52
C LYS G 131 8.69 -19.99 1.15
N VAL G 132 9.36 -20.08 2.29
CA VAL G 132 9.75 -18.92 3.10
C VAL G 132 11.24 -18.69 2.92
N GLU G 133 11.59 -17.53 2.37
CA GLU G 133 12.97 -17.06 2.31
C GLU G 133 13.20 -16.11 3.47
N LEU G 134 13.96 -16.57 4.47
CA LEU G 134 14.16 -15.81 5.71
C LEU G 134 15.46 -15.04 5.65
N GLU G 135 15.39 -13.74 5.91
CA GLU G 135 16.56 -12.88 6.01
C GLU G 135 16.56 -12.21 7.38
N GLY G 136 17.75 -11.77 7.80
CA GLY G 136 17.89 -11.10 9.08
C GLY G 136 18.43 -9.70 8.97
N GLY G 137 17.78 -8.75 9.64
CA GLY G 137 18.22 -7.37 9.62
C GLY G 137 19.03 -6.98 10.86
N MET H 1 -29.00 -15.55 -12.11
CA MET H 1 -27.95 -16.07 -12.97
C MET H 1 -26.71 -16.42 -12.16
N SER H 2 -25.91 -15.40 -11.85
CA SER H 2 -24.70 -15.54 -11.04
C SER H 2 -24.97 -14.98 -9.66
N VAL H 3 -24.84 -15.83 -8.63
CA VAL H 3 -25.14 -15.45 -7.25
C VAL H 3 -23.89 -15.68 -6.41
N GLU H 4 -23.45 -14.64 -5.73
CA GLU H 4 -22.30 -14.68 -4.85
C GLU H 4 -22.71 -14.19 -3.46
N VAL H 5 -22.45 -15.00 -2.44
CA VAL H 5 -22.86 -14.71 -1.08
C VAL H 5 -21.63 -14.64 -0.19
N LYS H 6 -21.55 -13.61 0.64
CA LYS H 6 -20.51 -13.46 1.65
C LYS H 6 -21.15 -13.65 3.02
N VAL H 7 -20.49 -14.46 3.86
CA VAL H 7 -21.03 -14.84 5.16
C VAL H 7 -20.10 -14.31 6.24
N THR H 8 -20.67 -13.65 7.24
CA THR H 8 -19.93 -13.11 8.37
C THR H 8 -20.67 -13.46 9.65
N GLN H 9 -19.97 -14.08 10.59
CA GLN H 9 -20.56 -14.44 11.87
C GLN H 9 -20.37 -13.28 12.85
N ILE H 10 -21.47 -12.64 13.25
CA ILE H 10 -21.42 -11.64 14.31
C ILE H 10 -21.08 -12.30 15.64
N ASP H 11 -21.91 -13.27 16.05
CA ASP H 11 -21.68 -14.07 17.24
C ASP H 11 -22.26 -15.46 16.98
N ASP H 12 -22.20 -16.32 17.99
CA ASP H 12 -22.73 -17.67 17.83
C ASP H 12 -24.27 -17.73 17.66
N GLU H 13 -24.99 -16.62 17.53
CA GLU H 13 -26.41 -16.64 17.24
C GLU H 13 -26.80 -15.68 16.12
N THR H 14 -25.83 -15.14 15.38
CA THR H 14 -26.13 -14.11 14.39
C THR H 14 -25.18 -14.25 13.21
N TRP H 15 -25.73 -14.31 12.00
CA TRP H 15 -24.95 -14.40 10.78
C TRP H 15 -25.42 -13.35 9.78
N LYS H 16 -24.49 -12.55 9.30
CA LYS H 16 -24.76 -11.49 8.33
C LYS H 16 -24.40 -11.96 6.93
N PHE H 17 -25.26 -11.64 5.96
CA PHE H 17 -25.06 -12.06 4.58
C PHE H 17 -25.10 -10.86 3.65
N LYS H 18 -24.20 -10.86 2.67
CA LYS H 18 -24.23 -9.91 1.57
C LYS H 18 -24.20 -10.69 0.27
N THR H 19 -25.23 -10.49 -0.57
CA THR H 19 -25.38 -11.24 -1.80
C THR H 19 -25.27 -10.30 -2.99
N THR H 20 -24.37 -10.63 -3.91
CA THR H 20 -24.19 -9.91 -5.17
C THR H 20 -24.72 -10.79 -6.29
N ILE H 21 -25.63 -10.25 -7.08
CA ILE H 21 -26.27 -10.97 -8.19
C ILE H 21 -25.94 -10.26 -9.48
N THR H 22 -25.26 -10.96 -10.39
CA THR H 22 -24.94 -10.43 -11.70
C THR H 22 -25.89 -11.04 -12.72
N LYS H 23 -26.69 -10.20 -13.37
CA LYS H 23 -27.70 -10.66 -14.31
C LYS H 23 -27.05 -11.04 -15.64
N GLU H 24 -27.90 -11.50 -16.58
CA GLU H 24 -27.41 -11.89 -17.89
C GLU H 24 -26.82 -10.71 -18.65
N ASN H 25 -27.37 -9.52 -18.45
CA ASN H 25 -26.92 -8.32 -19.14
C ASN H 25 -25.75 -7.63 -18.44
N GLY H 26 -25.24 -8.20 -17.36
CA GLY H 26 -24.13 -7.61 -16.64
C GLY H 26 -24.52 -6.69 -15.50
N GLU H 27 -25.81 -6.40 -15.32
CA GLU H 27 -26.25 -5.57 -14.21
C GLU H 27 -25.96 -6.26 -12.89
N LYS H 28 -25.73 -5.45 -11.85
CA LYS H 28 -25.28 -5.96 -10.56
C LYS H 28 -26.23 -5.47 -9.47
N GLU H 29 -26.85 -6.41 -8.77
CA GLU H 29 -27.70 -6.12 -7.63
C GLU H 29 -27.03 -6.60 -6.35
N GLU H 30 -27.25 -5.88 -5.25
CA GLU H 30 -26.66 -6.24 -3.97
C GLU H 30 -27.73 -6.22 -2.89
N LYS H 31 -27.67 -7.19 -1.99
CA LYS H 31 -28.66 -7.38 -0.95
C LYS H 31 -27.95 -7.71 0.35
N GLU H 32 -28.56 -7.32 1.47
CA GLU H 32 -28.05 -7.65 2.79
C GLU H 32 -29.17 -8.24 3.63
N SER H 33 -28.84 -9.21 4.47
CA SER H 33 -29.81 -9.84 5.34
C SER H 33 -29.09 -10.40 6.56
N THR H 34 -29.88 -10.78 7.55
CA THR H 34 -29.37 -11.36 8.79
C THR H 34 -30.22 -12.56 9.17
N ILE H 35 -29.56 -13.63 9.61
CA ILE H 35 -30.23 -14.83 10.09
C ILE H 35 -29.74 -15.11 11.50
N THR H 36 -30.67 -15.30 12.43
CA THR H 36 -30.33 -15.63 13.80
C THR H 36 -30.47 -17.13 14.04
N LYS H 37 -29.81 -17.61 15.10
CA LYS H 37 -29.91 -19.01 15.47
C LYS H 37 -31.34 -19.38 15.82
N GLU H 38 -32.09 -18.45 16.42
CA GLU H 38 -33.50 -18.69 16.72
C GLU H 38 -34.33 -18.85 15.46
N GLU H 39 -33.98 -18.11 14.39
CA GLU H 39 -34.72 -18.24 13.14
C GLU H 39 -34.42 -19.57 12.46
N VAL H 40 -33.19 -20.09 12.60
CA VAL H 40 -32.86 -21.39 12.03
C VAL H 40 -33.65 -22.49 12.72
N LYS H 41 -33.70 -22.44 14.06
CA LYS H 41 -34.40 -23.48 14.81
C LYS H 41 -35.88 -23.51 14.47
N GLU H 42 -36.52 -22.35 14.39
CA GLU H 42 -37.95 -22.29 14.12
C GLU H 42 -38.31 -22.61 12.67
N SER H 43 -37.32 -22.67 11.77
CA SER H 43 -37.60 -23.00 10.38
C SER H 43 -37.76 -24.50 10.14
N TYR H 44 -37.27 -25.33 11.05
CA TYR H 44 -37.43 -26.77 10.91
C TYR H 44 -38.83 -27.20 11.35
N GLU H 45 -39.26 -28.34 10.80
CA GLU H 45 -40.61 -28.82 11.11
C GLU H 45 -40.78 -29.16 12.58
N SER H 46 -39.70 -29.58 13.24
CA SER H 46 -39.74 -29.83 14.67
C SER H 46 -38.37 -29.53 15.25
N GLU H 47 -38.34 -29.26 16.55
CA GLU H 47 -37.06 -29.05 17.23
C GLU H 47 -36.26 -30.35 17.30
N GLU H 48 -36.92 -31.50 17.24
CA GLU H 48 -36.21 -32.77 17.22
C GLU H 48 -35.43 -32.94 15.91
N GLU H 49 -36.06 -32.61 14.78
CA GLU H 49 -35.35 -32.69 13.51
C GLU H 49 -34.22 -31.67 13.45
N TYR H 50 -34.39 -30.52 14.09
CA TYR H 50 -33.35 -29.50 14.11
C TYR H 50 -32.11 -30.01 14.85
N GLU H 51 -32.29 -30.68 15.99
CA GLU H 51 -31.14 -31.16 16.74
C GLU H 51 -30.56 -32.42 16.11
N SER H 52 -31.41 -33.26 15.52
CA SER H 52 -30.90 -34.44 14.82
C SER H 52 -30.03 -34.04 13.64
N THR H 53 -30.43 -33.00 12.90
CA THR H 53 -29.63 -32.54 11.77
C THR H 53 -28.33 -31.90 12.26
N LYS H 54 -28.39 -31.10 13.33
CA LYS H 54 -27.18 -30.48 13.85
C LYS H 54 -26.16 -31.52 14.28
N GLU H 55 -26.63 -32.62 14.87
CA GLU H 55 -25.73 -33.70 15.27
C GLU H 55 -25.10 -34.37 14.05
N ARG H 56 -25.87 -34.50 12.96
CA ARG H 56 -25.31 -35.06 11.73
C ARG H 56 -24.11 -34.25 11.25
N ILE H 57 -24.19 -32.92 11.39
CA ILE H 57 -23.08 -32.07 10.95
C ILE H 57 -21.92 -32.15 11.93
N ARG H 58 -22.20 -32.31 13.22
CA ARG H 58 -21.13 -32.49 14.19
C ARG H 58 -20.34 -33.78 13.91
N LYS H 59 -21.03 -34.82 13.46
CA LYS H 59 -20.35 -36.07 13.11
C LYS H 59 -19.48 -35.90 11.88
N LYS H 60 -19.85 -35.00 10.96
CA LYS H 60 -19.01 -34.70 9.82
C LYS H 60 -17.66 -34.11 10.23
N PHE H 61 -17.61 -33.46 11.40
CA PHE H 61 -16.39 -32.86 11.91
C PHE H 61 -15.96 -33.50 13.22
N GLU H 62 -16.21 -34.80 13.37
CA GLU H 62 -15.93 -35.51 14.61
C GLU H 62 -14.46 -35.43 14.99
N ASP H 63 -13.57 -35.27 14.02
CA ASP H 63 -12.13 -35.24 14.29
C ASP H 63 -11.64 -33.86 14.74
N LEU H 64 -12.53 -32.87 14.83
CA LEU H 64 -12.15 -31.53 15.23
C LEU H 64 -12.51 -31.29 16.70
N SER H 65 -12.09 -30.14 17.21
CA SER H 65 -12.32 -29.80 18.60
C SER H 65 -13.80 -29.52 18.86
N GLU H 66 -14.17 -29.51 20.14
CA GLU H 66 -15.57 -29.27 20.51
C GLU H 66 -16.03 -27.89 20.08
N LYS H 67 -15.16 -26.88 20.21
CA LYS H 67 -15.53 -25.53 19.81
C LYS H 67 -15.73 -25.44 18.29
N GLU H 68 -14.84 -26.06 17.52
CA GLU H 68 -14.96 -26.00 16.07
C GLU H 68 -16.14 -26.81 15.56
N LYS H 69 -16.47 -27.91 16.21
CA LYS H 69 -17.68 -28.65 15.87
C LYS H 69 -18.93 -27.81 16.13
N TYR H 70 -18.92 -27.08 17.25
CA TYR H 70 -20.04 -26.19 17.56
C TYR H 70 -20.15 -25.05 16.55
N THR H 71 -19.02 -24.46 16.17
CA THR H 71 -19.04 -23.35 15.23
C THR H 71 -19.47 -23.81 13.84
N LEU H 72 -18.85 -24.88 13.33
CA LEU H 72 -19.11 -25.29 11.95
C LEU H 72 -20.52 -25.85 11.78
N SER H 73 -21.01 -26.60 12.77
CA SER H 73 -22.34 -27.21 12.64
C SER H 73 -23.42 -26.16 12.53
N ASN H 74 -23.41 -25.18 13.43
CA ASN H 74 -24.40 -24.10 13.37
C ASN H 74 -24.18 -23.23 12.13
N LEU H 75 -22.93 -23.04 11.72
CA LEU H 75 -22.64 -22.25 10.53
C LEU H 75 -23.25 -22.89 9.29
N VAL H 76 -23.08 -24.20 9.15
CA VAL H 76 -23.66 -24.91 8.00
C VAL H 76 -25.18 -24.76 7.99
N LEU H 77 -25.81 -24.87 9.16
CA LEU H 77 -27.27 -24.72 9.22
C LEU H 77 -27.70 -23.32 8.80
N ALA H 78 -26.95 -22.30 9.19
CA ALA H 78 -27.33 -20.93 8.85
C ALA H 78 -27.16 -20.68 7.35
N ILE H 79 -26.07 -21.17 6.76
CA ILE H 79 -25.86 -20.97 5.33
C ILE H 79 -26.87 -21.76 4.51
N THR H 80 -27.28 -22.93 4.99
CA THR H 80 -28.24 -23.74 4.26
C THR H 80 -29.59 -23.04 4.15
N LYS H 81 -30.05 -22.44 5.25
CA LYS H 81 -31.31 -21.70 5.21
C LYS H 81 -31.22 -20.50 4.27
N LYS H 82 -30.06 -19.83 4.24
CA LYS H 82 -29.90 -18.67 3.37
C LYS H 82 -29.95 -19.08 1.90
N LEU H 83 -29.34 -20.23 1.56
CA LEU H 83 -29.35 -20.66 0.17
C LEU H 83 -30.74 -21.09 -0.28
N LYS H 84 -31.54 -21.65 0.63
CA LYS H 84 -32.94 -21.94 0.30
C LYS H 84 -33.69 -20.67 -0.06
N GLU H 85 -33.52 -19.61 0.74
CA GLU H 85 -34.22 -18.37 0.50
C GLU H 85 -33.80 -17.74 -0.82
N LEU H 86 -32.50 -17.77 -1.12
CA LEU H 86 -32.02 -17.21 -2.38
C LEU H 86 -32.47 -18.05 -3.57
N TYR H 87 -32.59 -19.37 -3.38
CA TYR H 87 -33.05 -20.23 -4.47
C TYR H 87 -34.50 -19.95 -4.82
N GLU H 88 -35.32 -19.59 -3.83
CA GLU H 88 -36.73 -19.37 -4.10
C GLU H 88 -36.97 -18.09 -4.88
N GLU H 89 -36.04 -17.12 -4.80
CA GLU H 89 -36.19 -15.84 -5.47
C GLU H 89 -35.44 -15.76 -6.78
N TYR H 90 -34.39 -16.57 -6.98
CA TYR H 90 -33.56 -16.45 -8.16
C TYR H 90 -33.29 -17.77 -8.86
N GLY H 91 -33.60 -18.92 -8.24
CA GLY H 91 -33.47 -20.20 -8.90
C GLY H 91 -32.06 -20.55 -9.35
N ALA H 92 -31.05 -19.92 -8.76
CA ALA H 92 -29.67 -20.15 -9.19
C ALA H 92 -29.23 -21.56 -8.83
N LYS H 93 -28.90 -22.34 -9.85
CA LYS H 93 -28.38 -23.70 -9.63
C LYS H 93 -27.01 -23.67 -8.97
N GLU H 94 -26.22 -22.63 -9.22
CA GLU H 94 -24.85 -22.54 -8.73
C GLU H 94 -24.68 -21.26 -7.93
N VAL H 95 -24.08 -21.37 -6.75
CA VAL H 95 -23.85 -20.24 -5.86
C VAL H 95 -22.42 -20.28 -5.35
N LYS H 96 -21.78 -19.13 -5.28
CA LYS H 96 -20.46 -18.99 -4.66
C LYS H 96 -20.63 -18.44 -3.25
N VAL H 97 -20.06 -19.14 -2.27
CA VAL H 97 -20.17 -18.78 -0.87
C VAL H 97 -18.78 -18.48 -0.32
N THR H 98 -18.56 -17.24 0.09
CA THR H 98 -17.32 -16.80 0.70
C THR H 98 -17.55 -16.61 2.19
N ILE H 99 -16.80 -17.35 3.01
CA ILE H 99 -16.97 -17.34 4.45
C ILE H 99 -15.85 -16.51 5.07
N GLU H 100 -16.21 -15.40 5.71
CA GLU H 100 -15.25 -14.56 6.40
C GLU H 100 -14.70 -15.28 7.63
N PRO H 101 -13.51 -14.89 8.10
CA PRO H 101 -12.91 -15.57 9.27
C PRO H 101 -13.83 -15.51 10.48
N ILE H 102 -14.02 -16.66 11.11
CA ILE H 102 -14.89 -16.78 12.27
C ILE H 102 -14.04 -16.59 13.52
N ASN H 103 -14.20 -15.45 14.19
CA ASN H 103 -13.50 -15.14 15.44
C ASN H 103 -11.99 -15.20 15.29
N GLY H 104 -11.48 -14.92 14.09
CA GLY H 104 -10.07 -14.75 13.86
C GLY H 104 -9.36 -15.90 13.18
N LYS H 105 -10.00 -17.08 13.09
CA LYS H 105 -9.36 -18.24 12.48
C LYS H 105 -9.93 -18.48 11.08
N PRO H 106 -9.09 -18.48 10.06
CA PRO H 106 -9.58 -18.76 8.70
C PRO H 106 -9.76 -20.25 8.46
N LEU H 107 -10.37 -20.56 7.31
CA LEU H 107 -10.67 -21.93 6.92
C LEU H 107 -9.59 -22.46 5.98
N ASP H 108 -9.29 -23.76 6.10
CA ASP H 108 -8.38 -24.43 5.20
C ASP H 108 -9.17 -25.17 4.12
N LYS H 109 -8.45 -25.87 3.25
CA LYS H 109 -9.08 -26.48 2.08
C LYS H 109 -10.00 -27.63 2.48
N GLU H 110 -9.59 -28.44 3.47
CA GLU H 110 -10.39 -29.59 3.87
C GLU H 110 -11.70 -29.15 4.50
N THR H 111 -11.63 -28.21 5.45
CA THR H 111 -12.84 -27.72 6.10
C THR H 111 -13.81 -27.13 5.08
N LYS H 112 -13.28 -26.41 4.09
CA LYS H 112 -14.13 -25.85 3.06
C LYS H 112 -14.83 -26.94 2.26
N GLU H 113 -14.14 -28.04 1.98
CA GLU H 113 -14.75 -29.13 1.23
C GLU H 113 -15.86 -29.80 2.02
N ARG H 114 -15.65 -30.00 3.33
CA ARG H 114 -16.67 -30.65 4.15
C ARG H 114 -17.87 -29.74 4.37
N ILE H 115 -17.65 -28.42 4.44
CA ILE H 115 -18.77 -27.50 4.53
C ILE H 115 -19.55 -27.51 3.22
N LYS H 116 -18.85 -27.54 2.09
CA LYS H 116 -19.51 -27.61 0.79
C LYS H 116 -20.36 -28.88 0.67
N GLU H 117 -19.81 -30.03 1.10
CA GLU H 117 -20.55 -31.27 1.02
C GLU H 117 -21.74 -31.29 1.96
N SER H 118 -21.57 -30.78 3.18
CA SER H 118 -22.68 -30.74 4.14
C SER H 118 -23.81 -29.86 3.64
N ILE H 119 -23.48 -28.69 3.10
CA ILE H 119 -24.51 -27.77 2.62
C ILE H 119 -25.25 -28.37 1.43
N GLU H 120 -24.51 -28.89 0.44
CA GLU H 120 -25.13 -29.47 -0.74
C GLU H 120 -26.02 -30.65 -0.36
N GLU H 121 -25.58 -31.48 0.58
CA GLU H 121 -26.34 -32.66 0.97
C GLU H 121 -27.65 -32.26 1.65
N LEU H 122 -27.59 -31.32 2.59
CA LEU H 122 -28.81 -30.88 3.26
C LEU H 122 -29.78 -30.23 2.28
N LEU H 123 -29.25 -29.47 1.31
CA LEU H 123 -30.12 -28.86 0.30
C LEU H 123 -30.79 -29.91 -0.56
N LYS H 124 -30.03 -30.91 -1.01
CA LYS H 124 -30.60 -31.97 -1.85
C LYS H 124 -31.71 -32.71 -1.13
N GLU H 125 -31.53 -32.99 0.16
CA GLU H 125 -32.52 -33.75 0.91
C GLU H 125 -33.82 -32.99 1.10
N LYS H 126 -33.81 -31.68 0.89
CA LYS H 126 -35.03 -30.87 0.94
C LYS H 126 -35.53 -30.49 -0.45
N GLY H 127 -34.95 -31.04 -1.51
CA GLY H 127 -35.42 -30.78 -2.85
C GLY H 127 -34.74 -29.66 -3.58
N TYR H 128 -33.56 -29.24 -3.15
CA TYR H 128 -32.82 -28.14 -3.76
C TYR H 128 -31.57 -28.69 -4.43
N ASP H 129 -31.47 -28.51 -5.75
CA ASP H 129 -30.30 -28.93 -6.52
C ASP H 129 -29.39 -27.72 -6.69
N VAL H 130 -28.52 -27.50 -5.70
CA VAL H 130 -27.65 -26.33 -5.68
C VAL H 130 -26.22 -26.79 -5.48
N LYS H 131 -25.36 -26.48 -6.45
CA LYS H 131 -23.92 -26.69 -6.31
C LYS H 131 -23.30 -25.45 -5.68
N VAL H 132 -22.45 -25.68 -4.67
CA VAL H 132 -21.89 -24.61 -3.86
C VAL H 132 -20.37 -24.58 -4.07
N GLU H 133 -19.85 -23.43 -4.48
CA GLU H 133 -18.42 -23.19 -4.55
C GLU H 133 -18.01 -22.40 -3.31
N LEU H 134 -17.21 -23.03 -2.45
CA LEU H 134 -16.78 -22.43 -1.19
C LEU H 134 -15.37 -21.88 -1.34
N GLU H 135 -15.26 -20.55 -1.37
CA GLU H 135 -13.97 -19.90 -1.59
C GLU H 135 -13.22 -19.62 -0.30
N GLY H 136 -13.90 -19.12 0.72
CA GLY H 136 -13.20 -18.59 1.88
C GLY H 136 -12.83 -17.13 1.70
N GLY H 137 -12.77 -16.41 2.83
CA GLY H 137 -12.63 -14.97 2.79
C GLY H 137 -11.56 -14.47 3.72
N SER H 138 -11.24 -13.18 3.55
CA SER H 138 -10.32 -12.46 4.42
C SER H 138 -10.94 -11.11 4.77
N GLY H 139 -10.47 -10.52 5.87
CA GLY H 139 -11.07 -9.29 6.35
C GLY H 139 -11.06 -8.18 5.31
N GLY H 140 -9.97 -8.03 4.57
CA GLY H 140 -9.87 -7.00 3.55
C GLY H 140 -9.68 -7.56 2.16
CA ETA I . 7.33 26.24 -4.28
N ETA I . 7.83 25.78 -5.56
C ETA I . 8.13 25.68 -3.12
O ETA I . 9.22 25.15 -3.31
C ACT J . 15.16 11.42 15.53
O ACT J . 15.53 10.47 16.26
OXT ACT J . 14.70 11.33 14.38
CH3 ACT J . 15.30 12.83 16.13
S SCN K . 14.25 12.11 -10.00
C SCN K . 15.77 11.51 -9.93
N SCN K . 16.85 11.08 -9.87
C ACT L . -14.37 12.05 9.40
O ACT L . -13.64 11.07 9.12
OXT ACT L . -13.99 13.21 9.63
CH3 ACT L . -15.88 11.77 9.43
S SCN M . -15.43 7.41 -17.00
C SCN M . -13.90 6.84 -17.07
N SCN M . -12.80 6.45 -17.12
C ACT N . -16.99 19.06 11.05
O ACT N . -17.15 19.48 12.21
OXT ACT N . -17.64 18.17 10.47
CH3 ACT N . -15.85 19.73 10.24
C ACT O . -20.50 17.88 13.11
O ACT O . -21.72 18.06 12.95
OXT ACT O . -19.65 18.74 13.45
CH3 ACT O . -19.99 16.46 12.86
K K P . -15.38 7.99 7.55
S SCN Q . 13.93 -5.21 34.52
C SCN Q . 12.31 -5.37 34.25
N SCN Q . 11.17 -5.48 34.06
C ACT R . -3.49 4.48 22.68
O ACT R . -3.35 5.46 23.44
OXT ACT R . -3.43 4.48 21.44
CH3 ACT R . -3.76 3.12 23.37
S SCN S . -19.02 -10.39 23.61
C SCN S . -20.65 -10.14 23.74
N SCN S . -21.80 -9.97 23.83
S SCN T . 17.55 6.85 -20.32
C SCN T . 18.85 7.71 -19.80
N SCN T . 19.77 8.32 -19.43
C ACT U . 28.78 8.44 -42.56
O ACT U . 29.67 7.66 -42.93
OXT ACT U . 27.56 8.29 -42.67
CH3 ACT U . 29.27 9.74 -41.90
K K V . 40.03 7.13 -15.99
S SCN W . -12.09 1.55 -27.21
C SCN W . -10.94 2.56 -26.59
N SCN W . -10.12 3.27 -26.17
K K X . 3.41 4.17 -35.48
S SCN Y . 1.20 -6.05 7.63
C SCN Y . 0.04 -7.16 7.31
N SCN Y . -0.79 -7.97 7.09
K K Z . 29.49 -9.72 22.97
S SCN AA . -27.88 -11.14 1.56
C SCN AA . -29.37 -11.73 1.25
N SCN AA . -30.44 -12.16 1.02
K K BA . -28.95 -27.95 20.49
#